data_7EAK
#
_entry.id   7EAK
#
loop_
_entity.id
_entity.type
_entity.pdbx_description
1 polymer 'Capsid protein VP1'
2 polymer 'Capsid protein VP2'
3 polymer 'Capsid protein VP3'
4 polymer 'Capsid protein VP4'
5 polymer 'heavy chain of 5G3 fab'
6 polymer 'light chain of 5G3 fab'
7 non-polymer SPHINGOSINE
8 non-polymer 'MYRISTIC ACID'
#
loop_
_entity_poly.entity_id
_entity_poly.type
_entity_poly.pdbx_seq_one_letter_code
_entity_poly.pdbx_strand_id
1 'polypeptide(L)'
;GDVEEAIDRAVARVADTMPTGPRNTESVPALTAVETGHTSQVVPGDTMQTRHVKNYHSRTESSIENFLCRAACVYIATYK
SAGGTPTERYASWRINTRQMVQLRRKFELFTYLRFDMEITFVITSTQDPGTQLAQDMPVLTHQIMYIPPGGPVPNSATDF
AWQSSTNPSIFWTEGCAPARMSVPFISIGNAYSNFYDGWSHFTQEGVYGFNSLNNMGHIYVRHVNEQSLGVSTSTLRVYF
KPKHVRAWVPRPPRLSPYVKSSNVNFKPTAVTTERKDINDVGTLRPVGYTNH
;
A
2 'polypeptide(L)'
;SPTVEECGFSDRVRSITLGNSTITTQECANVVVGYGVWPSYLQDNEATAEDQPTQPDVATCRFYTLDSIQWQKESDGWWW
KFPEALKNMGLFGQNMEYHYLGRSGYTIHVQCNASKFHQGCLLVVCVPEAEMGCSDVEREVVAASLSSEDTAKSFSRTES
NGQHTVQTVVYNAGMGVGVGNLTIFPHQWINLRTNNSATIVMPYINSVPMDNMFRHYNFTLMIIPFAKLEYTEQASNYVP
ITVTVAPMCAEYNGLRLASHQ
;
B
3 'polypeptide(L)'
;GLPTMLTPGSNQFLTSDDFQSPSAMPQFDVTPEMKIPGEVHNLMEIAEVDSVVPVNNTKENINSMEAYRIPVTGGDQLHT
QVFGFQMQPGLNSVFKRTLLGEILNYYAHWSGSVKLTFVFCGSAMATGKFLLAYSPPGASPPQNRKQAMLGTHVIWDVGL
QSSCVLCIPWISQTHYRLVQQDEYTSAGYVTCWYQTGLIVPPGAPPSCTILCFASACNDFSVRMLRDTPFIEQTQLLQ
;
C
4 'polypeptide(L)' GAQVSTQKTGAHETSLTASGNSTIHYTNINYYKDAASNSANRQDFTQDPSKFTEPMKDVMIKSLPALN D
5 'polypeptide(L)'
;LQQSGAELARPWASVKISCQAFYTFNSYGMQWVKQRPGQGLEWIGTIYPGNGQTSYNQRFKGKATLTADKSPSTAYMQLI
SLTSEDSAGCFCAVVPTVDFDYWGQGTLVTVS
;
F
6 'polypeptide(L)'
;DIVMSQSPSSLAVSVWEKVTMSCKSSQSLLYSNTQKNYLAWYQQKPGQSPKLLIYWASTRESGVPDRFTGSGSGTDFTLT
ISSVKAEDLAVYYCQQYYSYPLTFGAGTKLELKRA
;
L
#
loop_
_chem_comp.id
_chem_comp.type
_chem_comp.name
_chem_comp.formula
MYR non-polymer 'MYRISTIC ACID' 'C14 H28 O2'
SPH non-polymer SPHINGOSINE 'C18 H37 N O2'
#
# COMPACT_ATOMS: atom_id res chain seq x y z
N ALA A 10 11.16 4.46 29.52
CA ALA A 10 12.57 4.20 29.18
C ALA A 10 13.15 5.40 28.42
N VAL A 11 14.34 5.25 27.82
CA VAL A 11 15.00 6.35 27.08
C VAL A 11 14.25 6.56 25.75
N ALA A 12 13.36 5.62 25.41
CA ALA A 12 12.60 5.71 24.14
C ALA A 12 11.19 6.25 24.41
N ARG A 13 10.96 6.81 25.61
CA ARG A 13 9.63 7.33 26.00
C ARG A 13 9.04 8.22 24.90
N VAL A 14 7.71 8.24 24.76
CA VAL A 14 7.07 8.98 23.71
C VAL A 14 6.62 10.34 24.25
N ALA A 15 6.32 11.26 23.34
CA ALA A 15 5.99 12.62 23.75
C ALA A 15 4.62 12.66 24.42
N ASP A 16 4.48 13.57 25.37
CA ASP A 16 3.25 13.78 26.09
C ASP A 16 2.39 14.82 25.37
N THR A 17 1.09 14.80 25.68
CA THR A 17 0.16 15.78 25.13
C THR A 17 -0.11 16.86 26.16
N MET A 18 0.46 18.03 25.94
CA MET A 18 0.20 19.16 26.80
C MET A 18 -1.25 19.61 26.60
N PRO A 19 -1.96 19.98 27.66
CA PRO A 19 -3.38 20.31 27.51
C PRO A 19 -3.57 21.59 26.71
N THR A 20 -4.81 21.80 26.29
CA THR A 20 -5.13 22.94 25.45
C THR A 20 -6.62 23.26 25.57
N GLY A 21 -6.94 24.54 25.68
CA GLY A 21 -8.30 24.99 25.74
C GLY A 21 -8.76 25.54 24.39
N PRO A 22 -9.87 26.28 24.39
CA PRO A 22 -10.36 26.86 23.13
C PRO A 22 -9.41 27.93 22.64
N ARG A 23 -9.58 28.29 21.37
CA ARG A 23 -8.64 29.20 20.74
C ARG A 23 -9.32 29.90 19.58
N ASN A 24 -8.78 31.07 19.23
CA ASN A 24 -9.18 31.81 18.03
C ASN A 24 -7.97 32.63 17.59
N THR A 25 -7.21 32.07 16.66
CA THR A 25 -5.92 32.65 16.29
C THR A 25 -5.78 32.73 14.78
N GLU A 26 -4.70 33.37 14.33
CA GLU A 26 -4.31 33.32 12.94
C GLU A 26 -3.37 32.17 12.63
N SER A 27 -2.62 31.71 13.62
CA SER A 27 -1.65 30.65 13.41
C SER A 27 -2.41 29.33 13.26
N VAL A 28 -2.79 29.01 12.04
CA VAL A 28 -3.47 27.75 11.75
C VAL A 28 -2.42 26.66 11.57
N PRO A 29 -2.34 25.70 12.46
CA PRO A 29 -1.34 24.65 12.31
C PRO A 29 -1.83 23.54 11.40
N ALA A 30 -3.15 23.45 11.24
CA ALA A 30 -3.71 22.39 10.41
C ALA A 30 -3.39 22.61 8.94
N LEU A 31 -3.54 23.83 8.45
CA LEU A 31 -3.24 24.11 7.06
C LEU A 31 -1.74 24.07 6.83
N THR A 32 -1.31 23.22 5.91
CA THR A 32 0.10 23.11 5.55
C THR A 32 0.19 22.93 4.04
N ALA A 33 1.36 22.56 3.56
CA ALA A 33 1.56 22.36 2.13
C ALA A 33 2.60 21.27 1.95
N VAL A 34 2.20 20.14 1.38
CA VAL A 34 3.12 19.01 1.26
C VAL A 34 4.05 19.16 0.07
N GLU A 35 3.75 20.05 -0.88
CA GLU A 35 4.63 20.23 -2.02
C GLU A 35 6.07 20.47 -1.58
N THR A 36 6.26 21.02 -0.39
CA THR A 36 7.60 21.15 0.15
C THR A 36 8.18 19.82 0.58
N GLY A 37 7.43 18.73 0.46
CA GLY A 37 7.97 17.43 0.82
C GLY A 37 8.30 17.36 2.29
N HIS A 38 7.37 17.79 3.13
CA HIS A 38 7.59 17.90 4.56
C HIS A 38 6.37 17.32 5.28
N THR A 39 6.60 16.28 6.06
CA THR A 39 5.53 15.64 6.82
C THR A 39 5.17 16.53 8.00
N SER A 40 3.90 16.90 8.12
CA SER A 40 3.49 17.83 9.15
C SER A 40 3.71 17.26 10.53
N GLN A 41 3.94 18.15 11.49
CA GLN A 41 4.24 17.77 12.87
C GLN A 41 3.09 18.14 13.82
N VAL A 42 1.86 17.95 13.37
CA VAL A 42 0.69 18.35 14.16
C VAL A 42 0.40 17.28 15.21
N VAL A 43 0.44 17.69 16.47
CA VAL A 43 0.03 16.84 17.60
C VAL A 43 -1.46 17.12 17.82
N PRO A 44 -2.26 16.13 18.29
CA PRO A 44 -3.70 16.36 18.44
C PRO A 44 -4.10 17.63 19.17
N GLY A 45 -3.16 18.25 19.89
CA GLY A 45 -3.48 19.47 20.61
C GLY A 45 -3.80 20.66 19.74
N ASP A 46 -3.63 20.56 18.42
CA ASP A 46 -3.82 21.69 17.54
C ASP A 46 -5.17 21.73 16.86
N THR A 47 -5.91 20.62 16.83
CA THR A 47 -7.19 20.58 16.15
C THR A 47 -8.36 20.37 17.09
N MET A 48 -8.13 20.27 18.40
CA MET A 48 -9.21 20.10 19.36
C MET A 48 -8.69 20.44 20.75
N GLN A 49 -9.59 20.44 21.71
CA GLN A 49 -9.21 20.58 23.11
C GLN A 49 -8.76 19.24 23.65
N THR A 50 -7.59 19.20 24.28
CA THR A 50 -7.05 17.96 24.82
C THR A 50 -6.71 18.14 26.29
N ARG A 51 -6.41 17.02 26.95
CA ARG A 51 -6.15 16.98 28.38
C ARG A 51 -4.72 16.50 28.63
N HIS A 52 -4.16 16.93 29.75
CA HIS A 52 -2.77 16.59 30.08
C HIS A 52 -2.71 15.16 30.57
N VAL A 53 -2.18 14.26 29.75
CA VAL A 53 -1.95 12.88 30.17
C VAL A 53 -0.46 12.60 30.13
N LYS A 54 0.01 11.85 31.11
CA LYS A 54 1.42 11.47 31.18
C LYS A 54 1.57 10.14 30.47
N ASN A 55 1.99 10.19 29.21
CA ASN A 55 2.09 8.98 28.39
C ASN A 55 3.37 8.23 28.74
N TYR A 56 3.23 7.00 29.22
CA TYR A 56 4.35 6.20 29.68
C TYR A 56 4.77 5.15 28.67
N HIS A 57 4.20 5.16 27.48
CA HIS A 57 4.61 4.20 26.46
C HIS A 57 6.03 4.49 26.02
N SER A 58 6.68 3.46 25.48
CA SER A 58 8.05 3.60 25.02
C SER A 58 8.21 2.83 23.72
N ARG A 59 9.31 3.12 23.00
CA ARG A 59 9.56 2.57 21.69
C ARG A 59 10.74 1.59 21.68
N THR A 60 10.97 0.91 22.79
CA THR A 60 12.09 -0.02 22.83
C THR A 60 11.90 -1.18 21.87
N GLU A 61 10.68 -1.68 21.77
CA GLU A 61 10.42 -2.89 21.00
C GLU A 61 10.57 -2.68 19.50
N SER A 62 10.82 -1.45 19.05
CA SER A 62 10.89 -1.15 17.63
C SER A 62 12.22 -0.56 17.21
N SER A 63 13.24 -0.64 18.06
CA SER A 63 14.57 -0.21 17.62
C SER A 63 15.14 -1.24 16.65
N ILE A 64 16.20 -0.85 15.97
CA ILE A 64 16.76 -1.73 14.94
C ILE A 64 17.33 -2.99 15.56
N GLU A 65 18.09 -2.86 16.65
CA GLU A 65 18.70 -4.05 17.24
C GLU A 65 17.65 -5.02 17.75
N ASN A 66 16.59 -4.50 18.38
CA ASN A 66 15.53 -5.38 18.83
C ASN A 66 14.63 -5.85 17.68
N PHE A 67 14.68 -5.16 16.55
CA PHE A 67 13.87 -5.56 15.41
C PHE A 67 14.55 -6.65 14.60
N LEU A 68 15.87 -6.71 14.63
CA LEU A 68 16.62 -7.65 13.82
C LEU A 68 17.25 -8.78 14.62
N CYS A 69 17.54 -8.59 15.90
CA CYS A 69 18.24 -9.61 16.66
C CYS A 69 17.30 -10.75 17.01
N ARG A 70 16.82 -11.46 16.01
CA ARG A 70 16.08 -12.70 16.19
C ARG A 70 16.47 -13.64 15.06
N ALA A 71 16.87 -14.85 15.41
CA ALA A 71 17.37 -15.78 14.41
C ALA A 71 16.24 -16.29 13.52
N ALA A 72 16.52 -16.39 12.22
CA ALA A 72 15.55 -16.92 11.27
C ALA A 72 16.24 -17.89 10.33
N CYS A 73 15.50 -18.89 9.87
CA CYS A 73 16.06 -19.93 9.04
C CYS A 73 16.57 -19.36 7.72
N VAL A 74 17.68 -19.91 7.23
CA VAL A 74 18.28 -19.42 5.99
C VAL A 74 18.56 -20.52 4.97
N TYR A 75 18.71 -21.78 5.36
CA TYR A 75 18.93 -22.83 4.37
C TYR A 75 18.49 -24.18 4.94
N ILE A 76 18.17 -25.09 4.03
CA ILE A 76 17.75 -26.44 4.39
C ILE A 76 18.42 -27.42 3.43
N ALA A 77 19.45 -28.10 3.89
CA ALA A 77 20.21 -29.01 3.05
C ALA A 77 20.21 -30.40 3.66
N THR A 78 20.09 -31.41 2.81
CA THR A 78 20.05 -32.80 3.24
C THR A 78 21.15 -33.59 2.57
N TYR A 79 21.62 -34.63 3.24
CA TYR A 79 22.73 -35.43 2.74
C TYR A 79 22.69 -36.79 3.43
N LYS A 80 23.36 -37.75 2.83
CA LYS A 80 23.30 -39.15 3.23
C LYS A 80 24.60 -39.57 3.88
N SER A 81 24.71 -40.87 4.16
CA SER A 81 25.99 -41.47 4.51
C SER A 81 26.18 -42.79 3.76
N ALA A 82 25.43 -43.01 2.69
CA ALA A 82 25.50 -44.24 1.91
C ALA A 82 26.66 -44.20 0.92
N GLY A 83 26.69 -45.17 0.01
CA GLY A 83 27.72 -45.25 -1.00
C GLY A 83 27.14 -44.98 -2.38
N GLY A 84 28.02 -44.60 -3.30
CA GLY A 84 27.60 -44.28 -4.65
C GLY A 84 27.03 -42.89 -4.77
N THR A 85 27.18 -42.27 -5.94
CA THR A 85 26.81 -40.88 -6.19
C THR A 85 27.41 -40.00 -5.10
N PRO A 86 28.73 -39.82 -5.09
CA PRO A 86 29.36 -39.11 -3.96
C PRO A 86 28.93 -37.66 -3.84
N THR A 87 28.09 -37.20 -4.76
CA THR A 87 27.49 -35.89 -4.61
C THR A 87 26.37 -35.88 -3.58
N GLU A 88 26.03 -37.02 -3.00
CA GLU A 88 24.99 -37.10 -1.98
C GLU A 88 25.55 -37.32 -0.59
N ARG A 89 26.85 -37.49 -0.44
CA ARG A 89 27.44 -37.68 0.87
C ARG A 89 27.79 -36.38 1.57
N TYR A 90 27.49 -35.24 0.95
CA TYR A 90 27.77 -33.94 1.56
C TYR A 90 26.85 -32.92 0.95
N ALA A 91 26.78 -31.75 1.56
CA ALA A 91 25.90 -30.69 1.11
C ALA A 91 26.68 -29.41 0.89
N SER A 92 26.26 -28.64 -0.10
CA SER A 92 26.92 -27.40 -0.47
C SER A 92 25.96 -26.23 -0.35
N TRP A 93 26.50 -25.05 -0.09
CA TRP A 93 25.66 -23.86 0.01
C TRP A 93 26.54 -22.63 -0.18
N ARG A 94 26.35 -21.91 -1.28
CA ARG A 94 26.91 -20.58 -1.38
C ARG A 94 26.15 -19.68 -0.42
N ILE A 95 26.89 -18.92 0.39
CA ILE A 95 26.25 -18.17 1.47
C ILE A 95 25.41 -17.06 0.86
N ASN A 96 24.10 -17.20 0.96
CA ASN A 96 23.14 -16.20 0.49
C ASN A 96 22.17 -15.90 1.61
N THR A 97 21.48 -14.77 1.49
CA THR A 97 20.38 -14.46 2.39
C THR A 97 19.12 -14.18 1.59
N ARG A 98 18.96 -14.84 0.45
CA ARG A 98 17.83 -14.62 -0.42
C ARG A 98 16.98 -15.86 -0.63
N GLN A 99 17.38 -17.00 -0.09
CA GLN A 99 16.67 -18.25 -0.37
C GLN A 99 15.49 -18.48 0.56
N MET A 100 15.52 -17.92 1.76
CA MET A 100 14.37 -17.94 2.65
C MET A 100 13.77 -16.55 2.72
N VAL A 101 12.47 -16.46 2.46
CA VAL A 101 11.85 -15.16 2.24
C VAL A 101 11.66 -14.38 3.54
N GLN A 102 11.37 -15.07 4.63
CA GLN A 102 11.06 -14.40 5.89
C GLN A 102 12.15 -13.42 6.31
N LEU A 103 13.41 -13.80 6.10
CA LEU A 103 14.52 -12.91 6.43
C LEU A 103 14.87 -11.96 5.30
N ARG A 104 14.72 -12.39 4.05
CA ARG A 104 15.05 -11.52 2.93
C ARG A 104 14.18 -10.27 2.93
N ARG A 105 12.91 -10.42 3.24
CA ARG A 105 12.04 -9.24 3.25
C ARG A 105 12.39 -8.30 4.39
N LYS A 106 12.79 -8.85 5.54
CA LYS A 106 13.19 -7.97 6.64
C LYS A 106 14.49 -7.24 6.33
N PHE A 107 15.41 -7.87 5.61
CA PHE A 107 16.62 -7.14 5.23
C PHE A 107 16.37 -6.15 4.12
N GLU A 108 15.38 -6.40 3.25
CA GLU A 108 15.18 -5.51 2.11
C GLU A 108 14.35 -4.28 2.45
N LEU A 109 14.23 -3.90 3.72
CA LEU A 109 13.73 -2.57 4.04
C LEU A 109 14.84 -1.53 4.08
N PHE A 110 16.10 -1.95 4.19
CA PHE A 110 17.22 -1.04 4.25
C PHE A 110 18.16 -1.30 3.08
N THR A 111 18.82 -0.25 2.62
CA THR A 111 19.74 -0.40 1.51
C THR A 111 21.07 -0.98 1.97
N TYR A 112 21.68 -0.40 2.99
CA TYR A 112 22.97 -0.84 3.47
C TYR A 112 22.87 -1.34 4.90
N LEU A 113 23.73 -2.29 5.24
CA LEU A 113 23.68 -2.95 6.54
C LEU A 113 25.09 -3.32 6.96
N ARG A 114 25.38 -3.13 8.24
CA ARG A 114 26.67 -3.48 8.82
C ARG A 114 26.43 -4.05 10.20
N PHE A 115 26.86 -5.28 10.44
CA PHE A 115 26.53 -5.95 11.69
C PHE A 115 27.48 -7.13 11.91
N ASP A 116 27.48 -7.64 13.13
CA ASP A 116 28.09 -8.92 13.44
C ASP A 116 27.02 -10.00 13.24
N MET A 117 27.34 -11.24 13.59
CA MET A 117 26.36 -12.29 13.35
C MET A 117 26.60 -13.47 14.28
N GLU A 118 25.51 -14.09 14.71
CA GLU A 118 25.55 -15.39 15.37
C GLU A 118 24.90 -16.42 14.47
N ILE A 119 25.57 -17.56 14.32
CA ILE A 119 25.10 -18.63 13.45
C ILE A 119 24.91 -19.86 14.31
N THR A 120 23.71 -20.41 14.32
CA THR A 120 23.40 -21.64 15.04
C THR A 120 22.94 -22.69 14.07
N PHE A 121 23.48 -23.90 14.18
CA PHE A 121 23.16 -25.00 13.30
C PHE A 121 22.29 -26.00 14.04
N VAL A 122 21.15 -26.34 13.46
CA VAL A 122 20.23 -27.31 14.04
C VAL A 122 20.18 -28.49 13.09
N ILE A 123 20.87 -29.58 13.45
CA ILE A 123 20.97 -30.75 12.53
C ILE A 123 20.09 -31.90 13.05
N THR A 124 19.20 -32.42 12.20
CA THR A 124 18.33 -33.57 12.59
C THR A 124 18.59 -34.73 11.61
N SER A 125 18.77 -35.95 12.13
CA SER A 125 19.09 -37.11 11.24
C SER A 125 17.97 -38.14 11.24
N THR A 126 17.55 -38.60 10.06
CA THR A 126 16.48 -39.62 9.95
C THR A 126 17.02 -40.87 9.24
N GLN A 127 16.74 -42.06 9.77
CA GLN A 127 17.21 -43.33 9.14
C GLN A 127 16.42 -43.56 7.85
N ASP A 128 16.99 -44.32 6.90
CA ASP A 128 16.34 -44.53 5.61
C ASP A 128 15.89 -45.98 5.45
N PRO A 129 14.84 -46.22 4.66
CA PRO A 129 14.33 -47.57 4.51
C PRO A 129 15.24 -48.45 3.66
N GLY A 130 14.78 -49.65 3.37
CA GLY A 130 15.54 -50.62 2.62
C GLY A 130 15.98 -51.79 3.49
N THR A 131 16.56 -52.78 2.82
CA THR A 131 17.05 -53.94 3.54
C THR A 131 18.39 -53.63 4.21
N GLN A 132 18.81 -54.53 5.10
CA GLN A 132 20.07 -54.41 5.82
C GLN A 132 20.11 -53.12 6.64
N LEU A 133 19.22 -53.06 7.62
CA LEU A 133 19.13 -51.92 8.51
C LEU A 133 20.19 -52.01 9.60
N ALA A 134 20.27 -50.94 10.38
CA ALA A 134 21.41 -50.80 11.32
C ALA A 134 21.26 -51.51 12.65
N GLN A 135 20.06 -51.91 13.05
CA GLN A 135 19.96 -52.47 14.41
C GLN A 135 20.53 -51.36 15.31
N ASP A 136 21.61 -51.61 16.06
CA ASP A 136 22.16 -50.49 16.87
C ASP A 136 23.22 -49.68 16.11
N MET A 137 23.23 -48.36 16.28
CA MET A 137 24.20 -47.43 15.65
C MET A 137 24.68 -46.43 16.71
N PRO A 138 25.98 -46.24 16.97
CA PRO A 138 26.41 -45.22 17.93
C PRO A 138 26.02 -43.83 17.47
N VAL A 139 26.30 -42.81 18.29
CA VAL A 139 25.91 -41.47 17.93
C VAL A 139 26.67 -41.03 16.68
N LEU A 140 26.07 -40.13 15.92
CA LEU A 140 26.68 -39.62 14.71
C LEU A 140 27.44 -38.34 15.01
N THR A 141 28.27 -37.94 14.05
CA THR A 141 29.06 -36.73 14.21
C THR A 141 29.14 -36.00 12.88
N HIS A 142 28.89 -34.69 12.92
CA HIS A 142 28.87 -33.88 11.73
C HIS A 142 30.00 -32.86 11.79
N GLN A 143 30.54 -32.53 10.62
CA GLN A 143 31.57 -31.52 10.48
C GLN A 143 31.06 -30.42 9.56
N ILE A 144 31.27 -29.17 9.93
CA ILE A 144 30.74 -28.03 9.19
C ILE A 144 31.91 -27.10 8.89
N MET A 145 32.55 -27.30 7.74
CA MET A 145 33.69 -26.49 7.35
C MET A 145 33.24 -25.26 6.58
N TYR A 146 33.88 -24.13 6.85
CA TYR A 146 33.61 -22.88 6.17
C TYR A 146 34.77 -22.56 5.24
N ILE A 147 34.48 -22.43 3.95
CA ILE A 147 35.51 -22.25 2.93
C ILE A 147 35.42 -20.82 2.42
N PRO A 148 36.38 -19.95 2.73
CA PRO A 148 36.38 -18.60 2.17
C PRO A 148 36.46 -18.64 0.66
N PRO A 149 36.14 -17.54 -0.02
CA PRO A 149 36.17 -17.56 -1.48
C PRO A 149 37.56 -17.82 -2.02
N GLY A 150 37.76 -18.96 -2.65
CA GLY A 150 39.04 -19.33 -3.22
C GLY A 150 39.68 -20.55 -2.60
N GLY A 151 39.13 -21.10 -1.52
CA GLY A 151 39.72 -22.25 -0.88
C GLY A 151 39.57 -23.49 -1.73
N PRO A 152 40.22 -24.59 -1.35
CA PRO A 152 40.12 -25.84 -2.11
C PRO A 152 38.82 -26.56 -1.75
N VAL A 153 37.95 -26.69 -2.75
CA VAL A 153 36.63 -27.29 -2.51
C VAL A 153 36.79 -28.81 -2.46
N PRO A 154 36.28 -29.48 -1.43
CA PRO A 154 36.30 -30.95 -1.42
C PRO A 154 35.30 -31.49 -2.43
N ASN A 155 35.67 -32.60 -3.06
CA ASN A 155 34.80 -33.21 -4.06
C ASN A 155 33.86 -34.25 -3.49
N SER A 156 34.22 -34.88 -2.38
CA SER A 156 33.36 -35.88 -1.75
C SER A 156 33.77 -36.03 -0.30
N ALA A 157 33.01 -36.83 0.43
CA ALA A 157 33.47 -37.24 1.74
C ALA A 157 34.72 -38.10 1.59
N THR A 158 35.47 -38.20 2.68
CA THR A 158 36.77 -38.87 2.67
C THR A 158 37.67 -38.28 1.58
N ASP A 159 37.84 -36.95 1.65
CA ASP A 159 38.76 -36.24 0.77
C ASP A 159 39.81 -35.55 1.62
N PHE A 160 40.89 -35.14 0.96
CA PHE A 160 41.99 -34.49 1.66
C PHE A 160 41.56 -33.17 2.28
N ALA A 161 40.66 -32.44 1.62
CA ALA A 161 40.37 -31.07 2.02
C ALA A 161 39.53 -30.98 3.28
N TRP A 162 39.14 -32.10 3.87
CA TRP A 162 38.47 -32.07 5.15
C TRP A 162 39.45 -31.94 6.30
N GLN A 163 40.73 -31.73 6.02
CA GLN A 163 41.68 -31.42 7.09
C GLN A 163 41.33 -30.11 7.76
N SER A 164 41.08 -29.07 6.96
CA SER A 164 40.82 -27.73 7.44
C SER A 164 41.94 -27.27 8.37
N SER A 165 43.15 -27.24 7.80
CA SER A 165 44.30 -26.75 8.55
C SER A 165 44.24 -25.25 8.77
N THR A 166 43.39 -24.54 8.04
CA THR A 166 43.21 -23.12 8.27
C THR A 166 41.74 -22.76 8.38
N ASN A 167 40.89 -23.47 7.64
CA ASN A 167 39.49 -23.11 7.60
C ASN A 167 38.83 -23.37 8.95
N PRO A 168 37.94 -22.48 9.40
CA PRO A 168 37.21 -22.74 10.64
C PRO A 168 36.22 -23.88 10.44
N SER A 169 36.41 -24.96 11.19
CA SER A 169 35.54 -26.12 11.12
C SER A 169 35.06 -26.47 12.51
N ILE A 170 33.80 -26.88 12.62
CA ILE A 170 33.18 -27.22 13.90
C ILE A 170 32.71 -28.66 13.84
N PHE A 171 33.05 -29.43 14.87
CA PHE A 171 32.63 -30.82 14.98
C PHE A 171 31.55 -30.92 16.05
N TRP A 172 30.43 -31.55 15.70
CA TRP A 172 29.28 -31.60 16.65
C TRP A 172 28.74 -33.03 16.77
N THR A 173 28.95 -33.66 17.93
CA THR A 173 28.36 -35.01 18.17
C THR A 173 26.85 -34.85 18.38
N GLU A 174 26.06 -35.85 17.98
CA GLU A 174 24.58 -35.76 18.13
C GLU A 174 24.19 -35.89 19.60
N GLY A 175 23.01 -35.38 19.98
CA GLY A 175 22.58 -35.42 21.39
C GLY A 175 23.17 -34.28 22.20
N CYS A 176 23.70 -33.25 21.53
CA CYS A 176 24.35 -32.11 22.24
C CYS A 176 23.65 -30.80 21.85
N ALA A 177 23.75 -29.78 22.71
CA ALA A 177 23.11 -28.46 22.45
C ALA A 177 23.42 -28.00 21.00
N PRO A 178 22.49 -27.40 20.21
CA PRO A 178 22.85 -26.95 18.86
C PRO A 178 24.10 -26.09 18.88
N ALA A 179 24.91 -26.23 17.83
CA ALA A 179 26.19 -25.55 17.75
C ALA A 179 26.00 -24.09 17.35
N ARG A 180 26.92 -23.25 17.82
CA ARG A 180 26.80 -21.80 17.61
C ARG A 180 28.18 -21.17 17.65
N MET A 181 28.46 -20.30 16.68
CA MET A 181 29.66 -19.48 16.72
C MET A 181 29.34 -18.13 16.12
N SER A 182 30.18 -17.14 16.42
CA SER A 182 29.95 -15.77 16.00
C SER A 182 30.97 -15.36 14.94
N VAL A 183 30.54 -14.48 14.04
CA VAL A 183 31.38 -14.02 12.95
C VAL A 183 31.36 -12.49 12.89
N PRO A 184 32.50 -11.83 12.84
CA PRO A 184 32.50 -10.37 12.78
C PRO A 184 32.07 -9.85 11.41
N PHE A 185 32.13 -8.54 11.23
CA PHE A 185 31.68 -7.90 10.00
C PHE A 185 32.75 -8.13 8.93
N ILE A 186 32.48 -9.07 8.03
CA ILE A 186 33.49 -9.58 7.11
C ILE A 186 33.35 -9.02 5.71
N SER A 187 32.72 -7.86 5.55
CA SER A 187 32.53 -7.36 4.20
C SER A 187 33.83 -6.81 3.63
N ILE A 188 33.83 -6.65 2.31
CA ILE A 188 34.95 -6.00 1.65
C ILE A 188 34.84 -4.49 1.77
N GLY A 189 33.67 -3.95 1.49
CA GLY A 189 33.45 -2.51 1.54
C GLY A 189 33.23 -2.02 2.95
N ASN A 190 32.23 -1.16 3.13
CA ASN A 190 31.89 -0.64 4.45
C ASN A 190 30.48 -1.03 4.89
N ALA A 191 29.78 -1.81 4.08
CA ALA A 191 28.42 -2.23 4.43
C ALA A 191 27.97 -3.30 3.43
N TYR A 192 27.24 -4.29 3.92
CA TYR A 192 26.64 -5.27 3.01
C TYR A 192 25.61 -4.56 2.15
N SER A 193 25.91 -4.38 0.88
CA SER A 193 24.97 -3.71 -0.02
C SER A 193 23.83 -4.66 -0.35
N ASN A 194 22.62 -4.34 0.12
CA ASN A 194 21.48 -5.16 -0.23
C ASN A 194 21.04 -4.94 -1.67
N PHE A 195 21.35 -3.79 -2.24
CA PHE A 195 21.00 -3.48 -3.61
C PHE A 195 22.21 -2.90 -4.32
N TYR A 196 22.32 -3.23 -5.61
CA TYR A 196 23.48 -2.79 -6.39
C TYR A 196 22.99 -2.57 -7.82
N ASP A 197 22.62 -1.33 -8.13
CA ASP A 197 22.14 -1.00 -9.46
C ASP A 197 23.36 -0.77 -10.34
N GLY A 198 23.88 -1.86 -10.89
CA GLY A 198 25.07 -1.75 -11.70
C GLY A 198 25.45 -3.10 -12.27
N TRP A 199 26.57 -3.11 -12.98
CA TRP A 199 27.03 -4.29 -13.68
C TRP A 199 28.30 -4.80 -13.03
N SER A 200 28.89 -5.82 -13.63
CA SER A 200 30.15 -6.39 -13.18
C SER A 200 31.33 -5.97 -14.02
N HIS A 201 31.18 -5.97 -15.35
CA HIS A 201 32.23 -5.56 -16.25
C HIS A 201 32.07 -4.09 -16.61
N PHE A 202 33.18 -3.38 -16.73
CA PHE A 202 33.12 -1.94 -17.00
C PHE A 202 32.53 -1.63 -18.36
N THR A 203 32.36 -2.63 -19.23
CA THR A 203 31.68 -2.44 -20.50
C THR A 203 30.18 -2.63 -20.38
N GLN A 204 29.63 -2.56 -19.17
CA GLN A 204 28.20 -2.69 -18.93
C GLN A 204 27.67 -4.02 -19.47
N GLU A 205 28.30 -5.11 -19.05
CA GLU A 205 27.89 -6.44 -19.45
C GLU A 205 28.18 -7.41 -18.31
N GLY A 206 27.54 -8.57 -18.37
CA GLY A 206 27.82 -9.61 -17.42
C GLY A 206 26.65 -9.97 -16.54
N VAL A 207 26.81 -9.81 -15.24
CA VAL A 207 25.76 -10.12 -14.27
C VAL A 207 25.29 -8.80 -13.67
N TYR A 208 24.00 -8.51 -13.84
CA TYR A 208 23.40 -7.27 -13.34
C TYR A 208 22.69 -7.55 -12.03
N GLY A 209 23.01 -6.78 -11.00
CA GLY A 209 22.33 -6.86 -9.74
C GLY A 209 23.29 -7.13 -8.61
N PHE A 210 22.74 -7.39 -7.43
CA PHE A 210 23.57 -7.66 -6.27
C PHE A 210 24.23 -9.02 -6.31
N ASN A 211 23.97 -9.82 -7.35
CA ASN A 211 24.57 -11.14 -7.43
C ASN A 211 26.08 -11.09 -7.56
N SER A 212 26.64 -9.94 -7.93
CA SER A 212 28.08 -9.81 -8.06
C SER A 212 28.77 -9.37 -6.78
N LEU A 213 28.05 -8.70 -5.88
CA LEU A 213 28.62 -8.33 -4.60
C LEU A 213 28.71 -9.50 -3.64
N ASN A 214 27.95 -10.55 -3.88
CA ASN A 214 27.86 -11.68 -2.95
C ASN A 214 29.08 -12.56 -3.12
N ASN A 215 30.10 -12.31 -2.31
CA ASN A 215 31.32 -13.13 -2.27
C ASN A 215 31.63 -13.44 -0.82
N MET A 216 31.00 -14.49 -0.28
CA MET A 216 31.18 -14.85 1.11
C MET A 216 31.75 -16.24 1.31
N GLY A 217 31.84 -17.06 0.26
CA GLY A 217 32.33 -18.40 0.38
C GLY A 217 31.20 -19.40 0.45
N HIS A 218 31.58 -20.63 0.75
CA HIS A 218 30.62 -21.73 0.83
C HIS A 218 30.64 -22.32 2.23
N ILE A 219 29.75 -23.28 2.45
CA ILE A 219 29.70 -24.05 3.69
C ILE A 219 29.46 -25.50 3.34
N TYR A 220 30.34 -26.38 3.81
CA TYR A 220 30.25 -27.80 3.49
C TYR A 220 30.05 -28.60 4.76
N VAL A 221 29.29 -29.68 4.66
CA VAL A 221 28.93 -30.50 5.82
C VAL A 221 29.04 -31.96 5.41
N ARG A 222 29.49 -32.79 6.35
CA ARG A 222 29.62 -34.21 6.06
C ARG A 222 29.54 -35.01 7.34
N HIS A 223 29.29 -36.31 7.18
CA HIS A 223 29.35 -37.25 8.29
C HIS A 223 30.75 -37.78 8.44
N VAL A 224 31.26 -37.81 9.67
CA VAL A 224 32.60 -38.34 9.87
C VAL A 224 32.50 -39.85 10.07
N ASN A 225 31.27 -40.38 9.99
CA ASN A 225 31.06 -41.83 10.25
C ASN A 225 30.72 -42.59 8.97
N GLU A 226 31.56 -43.55 8.59
CA GLU A 226 31.29 -44.41 7.40
C GLU A 226 30.03 -45.26 7.64
N GLN A 227 29.83 -45.75 8.87
CA GLN A 227 28.65 -46.61 9.23
C GLN A 227 28.81 -48.02 8.64
N SER A 228 28.86 -48.14 7.32
CA SER A 228 28.96 -49.47 6.67
C SER A 228 27.61 -50.21 6.68
N LEU A 229 26.99 -50.43 7.84
CA LEU A 229 25.75 -51.26 7.88
C LEU A 229 24.58 -50.61 7.15
N GLY A 230 24.32 -49.31 7.33
CA GLY A 230 23.07 -48.75 6.73
C GLY A 230 23.11 -47.28 6.37
N VAL A 231 22.06 -46.78 5.71
CA VAL A 231 21.95 -45.40 5.26
C VAL A 231 21.26 -44.58 6.33
N SER A 232 21.68 -43.33 6.47
CA SER A 232 21.06 -42.40 7.41
C SER A 232 21.20 -40.99 6.86
N THR A 233 20.09 -40.40 6.42
CA THR A 233 20.16 -39.03 5.94
C THR A 233 20.21 -38.06 7.11
N SER A 234 20.40 -36.79 6.76
CA SER A 234 20.43 -35.73 7.76
C SER A 234 19.83 -34.48 7.15
N THR A 235 19.63 -33.47 7.99
CA THR A 235 19.03 -32.21 7.56
C THR A 235 19.74 -31.10 8.31
N LEU A 236 20.49 -30.27 7.58
CA LEU A 236 21.17 -29.13 8.18
C LEU A 236 20.30 -27.90 8.06
N ARG A 237 20.13 -27.17 9.16
CA ARG A 237 19.36 -25.95 9.18
C ARG A 237 20.20 -24.86 9.83
N VAL A 238 20.41 -23.77 9.12
CA VAL A 238 21.27 -22.69 9.58
C VAL A 238 20.39 -21.52 10.00
N TYR A 239 20.81 -20.81 11.04
CA TYR A 239 20.07 -19.67 11.55
C TYR A 239 21.01 -18.47 11.69
N PHE A 240 20.56 -17.33 11.20
CA PHE A 240 21.30 -16.08 11.25
C PHE A 240 20.66 -15.16 12.26
N LYS A 241 21.47 -14.55 13.12
CA LYS A 241 20.98 -13.55 14.08
C LYS A 241 21.94 -12.36 14.09
N PRO A 242 21.62 -11.30 13.36
CA PRO A 242 22.53 -10.15 13.30
C PRO A 242 22.46 -9.36 14.60
N LYS A 243 23.63 -8.97 15.10
CA LYS A 243 23.72 -8.13 16.30
C LYS A 243 24.74 -7.03 16.07
N HIS A 244 24.69 -6.01 16.91
CA HIS A 244 25.47 -4.78 16.73
C HIS A 244 25.22 -4.19 15.35
N VAL A 245 23.94 -4.06 15.01
CA VAL A 245 23.53 -3.78 13.64
C VAL A 245 23.29 -2.28 13.48
N ARG A 246 23.69 -1.76 12.33
CA ARG A 246 23.38 -0.41 11.91
C ARG A 246 22.81 -0.47 10.51
N ALA A 247 21.84 0.39 10.22
CA ALA A 247 21.18 0.40 8.92
C ALA A 247 21.09 1.82 8.38
N TRP A 248 21.12 1.93 7.06
CA TRP A 248 21.07 3.22 6.39
C TRP A 248 20.08 3.18 5.24
N VAL A 249 19.62 4.36 4.84
CA VAL A 249 18.84 4.57 3.63
C VAL A 249 17.64 3.64 3.59
N PRO A 250 16.58 3.92 4.34
CA PRO A 250 15.42 3.02 4.37
C PRO A 250 14.74 2.94 3.01
N ARG A 251 14.07 1.83 2.78
CA ARG A 251 13.39 1.52 1.54
C ARG A 251 11.91 1.23 1.77
N PRO A 252 11.08 1.30 0.73
CA PRO A 252 9.72 0.84 0.85
C PRO A 252 9.68 -0.67 0.81
N PRO A 253 8.78 -1.29 1.57
CA PRO A 253 8.76 -2.75 1.64
C PRO A 253 8.29 -3.37 0.34
N ARG A 254 8.77 -4.58 0.07
CA ARG A 254 8.46 -5.23 -1.18
C ARG A 254 7.02 -5.70 -1.21
N LEU A 255 6.45 -5.72 -2.42
CA LEU A 255 5.05 -6.02 -2.61
C LEU A 255 4.82 -7.32 -3.36
N SER A 256 5.41 -7.48 -4.53
CA SER A 256 5.18 -8.68 -5.30
C SER A 256 6.07 -9.82 -4.81
N PRO A 257 5.60 -11.06 -4.90
CA PRO A 257 6.36 -12.18 -4.34
C PRO A 257 7.66 -12.40 -5.09
N TYR A 258 8.63 -12.96 -4.38
CA TYR A 258 9.93 -13.25 -4.96
C TYR A 258 9.83 -14.43 -5.92
N VAL A 259 10.68 -14.43 -6.94
CA VAL A 259 10.70 -15.52 -7.90
C VAL A 259 12.09 -16.13 -8.00
N LYS A 260 13.11 -15.28 -8.06
CA LYS A 260 14.48 -15.75 -8.18
C LYS A 260 15.30 -15.34 -6.96
N SER A 261 16.38 -16.08 -6.73
CA SER A 261 17.25 -15.84 -5.59
C SER A 261 18.48 -15.04 -5.96
N SER A 262 18.59 -14.58 -7.20
CA SER A 262 19.72 -13.78 -7.64
C SER A 262 19.28 -12.50 -8.33
N ASN A 263 18.01 -12.13 -8.22
CA ASN A 263 17.46 -11.01 -8.96
C ASN A 263 16.42 -10.31 -8.11
N VAL A 264 15.87 -9.24 -8.66
CA VAL A 264 14.73 -8.55 -8.07
C VAL A 264 13.47 -8.77 -8.89
N ASN A 265 13.50 -9.73 -9.81
CA ASN A 265 12.41 -9.93 -10.74
C ASN A 265 11.09 -10.17 -10.01
N PHE A 266 10.00 -9.86 -10.69
CA PHE A 266 8.67 -9.96 -10.09
C PHE A 266 7.63 -10.09 -11.19
N LYS A 267 6.37 -10.15 -10.78
CA LYS A 267 5.22 -10.04 -11.65
C LYS A 267 4.34 -8.90 -11.18
N PRO A 268 3.68 -8.20 -12.09
CA PRO A 268 2.88 -7.04 -11.68
C PRO A 268 1.69 -7.45 -10.83
N THR A 269 1.70 -7.06 -9.56
CA THR A 269 0.62 -7.34 -8.63
C THR A 269 -0.09 -6.06 -8.25
N ALA A 270 -1.33 -6.20 -7.79
CA ALA A 270 -2.13 -5.05 -7.42
C ALA A 270 -1.52 -4.35 -6.21
N VAL A 271 -2.09 -3.20 -5.87
CA VAL A 271 -1.55 -2.43 -4.75
C VAL A 271 -2.10 -2.89 -3.41
N THR A 272 -3.38 -3.23 -3.33
CA THR A 272 -3.96 -3.78 -2.11
C THR A 272 -5.00 -4.82 -2.51
N THR A 273 -5.83 -5.21 -1.55
CA THR A 273 -6.97 -6.06 -1.83
C THR A 273 -8.11 -5.18 -2.32
N GLU A 274 -9.32 -5.73 -2.38
CA GLU A 274 -10.45 -5.06 -2.97
C GLU A 274 -11.52 -4.78 -1.93
N ARG A 275 -12.16 -3.63 -2.03
CA ARG A 275 -13.34 -3.32 -1.26
C ARG A 275 -14.57 -3.48 -2.14
N LYS A 276 -15.75 -3.24 -1.57
CA LYS A 276 -16.96 -3.27 -2.37
C LYS A 276 -17.20 -1.95 -3.07
N ASP A 277 -16.85 -0.85 -2.41
CA ASP A 277 -17.07 0.48 -2.96
C ASP A 277 -16.12 1.44 -2.27
N ILE A 278 -16.05 2.67 -2.79
CA ILE A 278 -15.17 3.67 -2.19
C ILE A 278 -15.65 4.04 -0.80
N ASN A 279 -16.94 4.33 -0.65
CA ASN A 279 -17.49 4.62 0.67
C ASN A 279 -18.18 3.40 1.27
N ASP A 280 -17.41 2.35 1.54
CA ASP A 280 -17.93 1.14 2.14
C ASP A 280 -17.28 0.95 3.50
N VAL A 281 -18.07 1.14 4.56
CA VAL A 281 -17.54 1.07 5.92
C VAL A 281 -17.47 -0.36 6.45
N GLY A 282 -17.86 -1.34 5.64
CA GLY A 282 -17.74 -2.72 6.07
C GLY A 282 -19.07 -3.45 6.18
N THR A 283 -20.07 -2.76 6.70
CA THR A 283 -21.37 -3.37 6.80
C THR A 283 -22.11 -3.36 5.49
N LEU A 284 -23.10 -4.23 5.36
CA LEU A 284 -23.89 -4.27 4.14
C LEU A 284 -24.93 -3.16 4.16
N ARG A 285 -24.94 -2.34 3.12
CA ARG A 285 -25.74 -1.13 3.09
C ARG A 285 -26.88 -1.23 2.09
N PRO A 286 -28.08 -0.82 2.46
CA PRO A 286 -29.17 -0.74 1.48
C PRO A 286 -28.94 0.42 0.53
N VAL A 287 -29.59 0.35 -0.62
CA VAL A 287 -29.39 1.36 -1.65
C VAL A 287 -29.96 2.70 -1.19
N GLY A 288 -29.37 3.77 -1.68
CA GLY A 288 -29.78 5.11 -1.30
C GLY A 288 -28.93 6.11 -2.03
N TYR A 289 -29.14 7.39 -1.70
CA TYR A 289 -28.40 8.45 -2.36
C TYR A 289 -27.08 8.77 -1.66
N THR A 290 -26.58 7.85 -0.83
CA THR A 290 -25.23 7.97 -0.28
C THR A 290 -24.34 6.82 -0.76
N ASN A 291 -24.73 5.58 -0.48
CA ASN A 291 -23.97 4.41 -0.88
C ASN A 291 -24.41 3.85 -2.22
N HIS A 292 -25.68 4.01 -2.59
CA HIS A 292 -26.23 3.36 -3.81
C HIS A 292 -25.99 1.86 -3.64
N ASP B 11 10.20 31.70 1.65
CA ASP B 11 9.57 32.59 0.68
C ASP B 11 9.38 31.85 -0.64
N ARG B 12 8.99 32.57 -1.69
CA ARG B 12 8.59 31.94 -2.94
C ARG B 12 9.57 32.19 -4.08
N VAL B 13 10.70 32.83 -3.83
CA VAL B 13 11.67 33.16 -4.86
C VAL B 13 13.01 32.55 -4.47
N ARG B 14 13.64 31.82 -5.40
CA ARG B 14 14.94 31.23 -5.16
C ARG B 14 15.83 31.51 -6.35
N SER B 15 17.14 31.39 -6.12
CA SER B 15 18.12 31.60 -7.17
C SER B 15 19.34 30.78 -6.83
N ILE B 16 19.62 29.76 -7.65
CA ILE B 16 20.71 28.83 -7.41
C ILE B 16 21.81 29.14 -8.41
N THR B 17 22.99 29.51 -7.93
CA THR B 17 24.12 29.83 -8.79
C THR B 17 25.21 28.79 -8.58
N LEU B 18 25.67 28.19 -9.66
CA LEU B 18 26.77 27.25 -9.63
C LEU B 18 27.65 27.45 -10.85
N GLY B 19 28.95 27.56 -10.63
CA GLY B 19 29.85 27.69 -11.75
C GLY B 19 29.52 28.92 -12.55
N ASN B 20 29.24 28.73 -13.83
CA ASN B 20 28.89 29.81 -14.73
C ASN B 20 27.43 29.76 -15.17
N SER B 21 26.55 29.23 -14.32
CA SER B 21 25.16 29.08 -14.69
C SER B 21 24.27 29.35 -13.50
N THR B 22 23.24 30.17 -13.69
CA THR B 22 22.29 30.50 -12.65
C THR B 22 20.92 29.99 -13.04
N ILE B 23 20.05 29.83 -12.04
CA ILE B 23 18.70 29.34 -12.24
C ILE B 23 17.77 30.15 -11.36
N THR B 24 16.82 30.85 -11.97
CA THR B 24 15.89 31.71 -11.26
C THR B 24 14.52 31.09 -11.30
N THR B 25 13.84 31.06 -10.16
CA THR B 25 12.47 30.58 -10.08
C THR B 25 11.63 31.54 -9.26
N GLN B 26 10.39 31.74 -9.70
CA GLN B 26 9.48 32.67 -9.05
C GLN B 26 8.37 32.00 -8.29
N GLU B 27 8.19 30.69 -8.43
CA GLU B 27 7.22 29.93 -7.64
C GLU B 27 7.91 28.64 -7.22
N CYS B 28 8.61 28.68 -6.09
CA CYS B 28 9.28 27.51 -5.57
C CYS B 28 8.71 27.18 -4.19
N ALA B 29 8.70 25.89 -3.87
CA ALA B 29 8.21 25.48 -2.55
C ALA B 29 9.32 25.60 -1.51
N ASN B 30 10.37 24.82 -1.67
CA ASN B 30 11.54 24.86 -0.79
C ASN B 30 12.62 24.01 -1.43
N VAL B 31 13.72 23.80 -0.72
CA VAL B 31 14.81 22.95 -1.19
C VAL B 31 15.00 21.83 -0.17
N VAL B 32 14.45 20.67 -0.47
CA VAL B 32 14.66 19.50 0.37
C VAL B 32 16.10 19.04 0.20
N VAL B 33 16.81 18.88 1.31
CA VAL B 33 18.24 18.61 1.24
C VAL B 33 18.53 17.18 1.64
N GLY B 34 18.57 16.29 0.65
CA GLY B 34 18.91 14.89 0.84
C GLY B 34 18.37 14.27 2.09
N TYR B 35 19.22 13.51 2.78
CA TYR B 35 18.86 12.94 4.06
C TYR B 35 19.33 13.78 5.23
N GLY B 36 19.57 15.07 4.98
CA GLY B 36 20.03 15.95 6.03
C GLY B 36 21.38 16.56 5.75
N VAL B 37 22.30 15.79 5.19
CA VAL B 37 23.66 16.28 4.97
C VAL B 37 23.71 17.08 3.68
N TRP B 38 24.83 17.78 3.48
CA TRP B 38 25.08 18.63 2.34
C TRP B 38 26.33 18.16 1.61
N PRO B 39 26.34 18.14 0.29
CA PRO B 39 27.48 17.59 -0.45
C PRO B 39 28.78 18.29 -0.07
N SER B 40 29.85 17.51 0.05
CA SER B 40 31.14 18.04 0.42
C SER B 40 32.23 17.20 -0.22
N TYR B 41 33.48 17.61 0.02
CA TYR B 41 34.62 16.84 -0.44
C TYR B 41 34.88 15.67 0.50
N LEU B 42 35.70 14.73 0.03
CA LEU B 42 36.03 13.56 0.83
C LEU B 42 37.07 13.94 1.88
N GLN B 43 36.72 13.76 3.15
CA GLN B 43 37.71 13.98 4.19
C GLN B 43 38.77 12.89 4.13
N ASP B 44 39.92 13.18 4.73
CA ASP B 44 41.04 12.24 4.68
C ASP B 44 40.95 11.14 5.72
N ASN B 45 39.92 11.16 6.57
CA ASN B 45 39.72 10.03 7.48
C ASN B 45 39.17 8.82 6.74
N GLU B 46 38.44 9.04 5.65
CA GLU B 46 37.76 7.96 4.95
C GLU B 46 38.42 7.56 3.65
N ALA B 47 39.37 8.34 3.14
CA ALA B 47 39.90 8.08 1.81
C ALA B 47 40.66 6.76 1.78
N THR B 48 40.54 6.07 0.66
CA THR B 48 41.30 4.86 0.41
C THR B 48 42.13 4.92 -0.85
N ALA B 49 41.84 5.85 -1.76
CA ALA B 49 42.66 6.00 -2.95
C ALA B 49 44.04 6.52 -2.58
N GLU B 50 45.08 5.80 -2.96
CA GLU B 50 46.42 6.20 -2.58
C GLU B 50 46.86 7.47 -3.29
N ASP B 51 46.26 7.79 -4.44
CA ASP B 51 46.78 8.80 -5.34
C ASP B 51 46.08 10.15 -5.14
N GLN B 52 46.74 11.21 -5.60
CA GLN B 52 46.20 12.56 -5.46
C GLN B 52 44.98 12.75 -6.35
N PRO B 53 43.88 13.28 -5.81
CA PRO B 53 42.68 13.44 -6.63
C PRO B 53 42.57 14.81 -7.29
N THR B 54 42.13 14.81 -8.53
CA THR B 54 41.87 16.04 -9.25
C THR B 54 40.51 16.58 -8.86
N GLN B 55 40.38 17.91 -8.89
CA GLN B 55 39.18 18.59 -8.40
C GLN B 55 38.86 19.77 -9.31
N PRO B 56 38.17 19.53 -10.41
CA PRO B 56 37.74 20.63 -11.27
C PRO B 56 36.47 21.25 -10.68
N ASP B 57 36.62 22.44 -10.10
CA ASP B 57 35.49 23.03 -9.39
C ASP B 57 34.48 23.67 -10.32
N VAL B 58 34.91 24.64 -11.13
CA VAL B 58 33.96 25.37 -11.97
C VAL B 58 33.64 24.58 -13.23
N ALA B 59 34.63 23.91 -13.80
CA ALA B 59 34.42 23.24 -15.07
C ALA B 59 33.50 22.04 -14.98
N THR B 60 33.20 21.58 -13.77
CA THR B 60 32.36 20.41 -13.58
C THR B 60 31.08 20.73 -12.82
N CYS B 61 31.14 21.57 -11.80
CA CYS B 61 29.99 21.87 -10.96
C CYS B 61 29.21 23.01 -11.60
N ARG B 62 28.39 22.65 -12.59
CA ARG B 62 27.51 23.62 -13.23
C ARG B 62 26.24 22.90 -13.64
N PHE B 63 25.26 23.68 -14.07
CA PHE B 63 23.96 23.10 -14.45
C PHE B 63 24.03 22.57 -15.87
N TYR B 64 23.50 21.36 -16.06
CA TYR B 64 23.31 20.77 -17.38
C TYR B 64 21.83 20.55 -17.60
N THR B 65 21.31 21.04 -18.71
CA THR B 65 19.91 20.86 -19.05
C THR B 65 19.76 19.62 -19.91
N LEU B 66 19.00 18.64 -19.41
CA LEU B 66 18.80 17.40 -20.14
C LEU B 66 17.76 17.61 -21.22
N ASP B 67 17.30 16.53 -21.84
CA ASP B 67 16.33 16.68 -22.90
C ASP B 67 14.94 16.94 -22.33
N SER B 68 14.06 17.46 -23.17
CA SER B 68 12.72 17.85 -22.77
C SER B 68 11.73 16.75 -23.12
N ILE B 69 10.72 16.59 -22.29
CA ILE B 69 9.67 15.60 -22.51
C ILE B 69 8.32 16.29 -22.54
N GLN B 70 7.32 15.57 -23.02
CA GLN B 70 5.99 16.13 -23.22
C GLN B 70 5.01 15.42 -22.30
N TRP B 71 4.38 16.18 -21.41
CA TRP B 71 3.40 15.64 -20.48
C TRP B 71 2.06 15.60 -21.19
N GLN B 72 1.64 14.41 -21.62
CA GLN B 72 0.35 14.23 -22.26
C GLN B 72 -0.71 13.91 -21.22
N LYS B 73 -1.96 13.87 -21.66
CA LYS B 73 -3.04 13.50 -20.76
C LYS B 73 -3.02 12.02 -20.43
N GLU B 74 -2.27 11.20 -21.18
CA GLU B 74 -2.24 9.77 -20.97
C GLU B 74 -0.88 9.27 -20.52
N SER B 75 0.08 10.16 -20.31
CA SER B 75 1.40 9.72 -19.87
C SER B 75 1.32 9.16 -18.45
N ASP B 76 2.34 8.40 -18.07
CA ASP B 76 2.32 7.74 -16.78
C ASP B 76 3.62 7.82 -15.98
N GLY B 77 4.75 8.17 -16.59
CA GLY B 77 5.96 8.30 -15.81
C GLY B 77 7.19 8.26 -16.69
N TRP B 78 8.31 8.65 -16.08
CA TRP B 78 9.60 8.63 -16.75
C TRP B 78 10.68 8.42 -15.70
N TRP B 79 11.85 7.97 -16.14
CA TRP B 79 12.94 7.84 -15.18
C TRP B 79 14.27 8.00 -15.90
N TRP B 80 15.20 8.71 -15.27
CA TRP B 80 16.58 8.81 -15.73
C TRP B 80 17.47 8.13 -14.69
N LYS B 81 18.60 7.60 -15.15
CA LYS B 81 19.58 6.99 -14.26
C LYS B 81 20.85 7.83 -14.24
N PHE B 82 21.31 8.17 -13.04
CA PHE B 82 22.48 9.00 -12.87
C PHE B 82 23.64 8.19 -12.29
N PRO B 83 24.88 8.55 -12.60
CA PRO B 83 25.29 9.66 -13.46
C PRO B 83 25.47 9.27 -14.91
N GLU B 84 24.92 8.11 -15.29
CA GLU B 84 25.02 7.69 -16.67
C GLU B 84 24.30 8.63 -17.62
N ALA B 85 23.31 9.39 -17.13
CA ALA B 85 22.58 10.30 -17.99
C ALA B 85 23.42 11.46 -18.48
N LEU B 86 24.60 11.69 -17.90
CA LEU B 86 25.48 12.79 -18.29
C LEU B 86 26.74 12.29 -18.98
N LYS B 87 26.63 11.23 -19.78
CA LYS B 87 27.81 10.71 -20.46
C LYS B 87 28.43 11.75 -21.38
N ASN B 88 27.61 12.56 -22.03
CA ASN B 88 28.07 13.48 -23.06
C ASN B 88 27.77 14.92 -22.70
N MET B 89 27.88 15.27 -21.42
CA MET B 89 27.51 16.59 -20.95
C MET B 89 28.78 17.33 -20.51
N GLY B 90 29.42 18.00 -21.46
CA GLY B 90 30.51 18.88 -21.11
C GLY B 90 31.70 18.12 -20.57
N LEU B 91 32.42 18.75 -19.64
CA LEU B 91 33.62 18.14 -19.09
C LEU B 91 33.32 17.03 -18.10
N PHE B 92 32.14 17.01 -17.51
CA PHE B 92 31.80 15.92 -16.61
C PHE B 92 31.76 14.60 -17.36
N GLY B 93 31.29 14.63 -18.60
CA GLY B 93 31.30 13.45 -19.43
C GLY B 93 32.66 13.10 -19.99
N GLN B 94 33.64 13.97 -19.82
CA GLN B 94 35.01 13.61 -20.15
C GLN B 94 35.72 13.02 -18.95
N ASN B 95 35.58 13.64 -17.78
CA ASN B 95 36.18 13.10 -16.58
C ASN B 95 35.50 11.83 -16.10
N MET B 96 34.32 11.50 -16.60
CA MET B 96 33.82 10.15 -16.37
C MET B 96 34.58 9.14 -17.21
N GLU B 97 34.93 9.50 -18.46
CA GLU B 97 35.57 8.55 -19.35
C GLU B 97 37.05 8.41 -19.09
N TYR B 98 37.69 9.42 -18.52
CA TYR B 98 39.13 9.40 -18.36
C TYR B 98 39.59 8.94 -16.99
N HIS B 99 38.69 8.73 -16.05
CA HIS B 99 39.09 8.34 -14.70
C HIS B 99 38.47 7.01 -14.30
N TYR B 100 39.16 6.31 -13.40
CA TYR B 100 38.66 5.03 -12.91
C TYR B 100 37.73 5.21 -11.71
N LEU B 101 37.89 6.28 -10.95
CA LEU B 101 37.09 6.50 -9.75
C LEU B 101 36.46 7.88 -9.80
N GLY B 102 35.25 7.98 -9.28
CA GLY B 102 34.54 9.25 -9.28
C GLY B 102 33.64 9.36 -8.07
N ARG B 103 33.37 10.60 -7.67
CA ARG B 103 32.57 10.87 -6.49
C ARG B 103 32.01 12.28 -6.61
N SER B 104 30.70 12.42 -6.43
CA SER B 104 30.08 13.72 -6.61
C SER B 104 28.65 13.70 -6.09
N GLY B 105 28.21 14.84 -5.59
CA GLY B 105 26.82 15.05 -5.24
C GLY B 105 26.12 15.88 -6.30
N TYR B 106 24.79 15.79 -6.32
CA TYR B 106 24.01 16.39 -7.40
C TYR B 106 22.98 17.36 -6.83
N THR B 107 22.35 18.09 -7.75
CA THR B 107 21.31 19.04 -7.38
C THR B 107 20.29 19.03 -8.51
N ILE B 108 19.15 18.36 -8.29
CA ILE B 108 18.19 18.09 -9.35
C ILE B 108 17.11 19.16 -9.29
N HIS B 109 17.05 19.98 -10.32
CA HIS B 109 16.01 20.99 -10.47
C HIS B 109 15.11 20.57 -11.61
N VAL B 110 13.85 20.27 -11.29
CA VAL B 110 12.86 19.87 -12.27
C VAL B 110 11.77 20.93 -12.30
N GLN B 111 11.35 21.33 -13.50
CA GLN B 111 10.51 22.50 -13.65
C GLN B 111 9.45 22.26 -14.72
N CYS B 112 8.23 22.71 -14.43
CA CYS B 112 7.10 22.53 -15.34
C CYS B 112 6.06 23.59 -15.01
N ASN B 113 5.92 24.60 -15.87
CA ASN B 113 4.91 25.63 -15.69
C ASN B 113 3.79 25.42 -16.71
N ALA B 114 2.59 25.58 -16.15
CA ALA B 114 1.35 25.52 -16.93
C ALA B 114 0.48 26.63 -16.33
N SER B 115 -0.64 26.97 -16.97
CA SER B 115 -1.48 28.12 -16.52
C SER B 115 -2.24 27.80 -15.26
N LYS B 116 -2.67 28.83 -14.53
CA LYS B 116 -3.53 28.59 -13.35
C LYS B 116 -4.73 27.74 -13.77
N PHE B 117 -5.09 27.73 -15.05
CA PHE B 117 -6.30 27.01 -15.43
C PHE B 117 -6.07 25.54 -15.72
N HIS B 118 -4.83 25.07 -15.76
CA HIS B 118 -4.57 23.65 -15.84
C HIS B 118 -4.66 23.03 -14.46
N GLN B 119 -4.55 21.71 -14.40
CA GLN B 119 -4.49 21.03 -13.13
C GLN B 119 -3.73 19.72 -13.30
N GLY B 120 -3.10 19.29 -12.22
CA GLY B 120 -2.30 18.08 -12.26
C GLY B 120 -1.40 18.02 -11.05
N CYS B 121 -0.58 16.96 -11.04
CA CYS B 121 0.33 16.74 -9.94
C CYS B 121 1.49 15.89 -10.42
N LEU B 122 2.60 15.93 -9.68
CA LEU B 122 3.75 15.11 -10.00
C LEU B 122 4.43 14.68 -8.73
N LEU B 123 5.29 13.68 -8.86
CA LEU B 123 6.11 13.18 -7.76
C LEU B 123 7.54 13.11 -8.27
N VAL B 124 8.46 13.75 -7.57
CA VAL B 124 9.85 13.81 -7.99
C VAL B 124 10.69 13.15 -6.91
N VAL B 125 11.05 11.89 -7.12
CA VAL B 125 11.79 11.12 -6.16
C VAL B 125 13.21 10.95 -6.67
N CYS B 126 14.14 10.65 -5.76
CA CYS B 126 15.50 10.28 -6.11
C CYS B 126 15.81 8.96 -5.42
N VAL B 127 15.65 7.86 -6.16
CA VAL B 127 15.72 6.52 -5.58
C VAL B 127 17.15 6.00 -5.59
N PRO B 128 17.84 6.00 -4.46
CA PRO B 128 19.22 5.49 -4.46
C PRO B 128 19.23 3.99 -4.62
N GLU B 129 20.14 3.50 -5.47
CA GLU B 129 20.29 2.09 -5.75
C GLU B 129 18.95 1.48 -6.18
N ALA B 130 18.38 2.06 -7.21
CA ALA B 130 17.08 1.62 -7.72
C ALA B 130 17.31 0.45 -8.67
N GLU B 131 17.40 -0.75 -8.10
CA GLU B 131 17.58 -1.95 -8.90
C GLU B 131 16.24 -2.37 -9.48
N MET B 132 16.24 -2.68 -10.77
CA MET B 132 15.01 -2.95 -11.52
C MET B 132 14.96 -4.40 -11.97
N GLY B 133 13.75 -4.91 -12.13
CA GLY B 133 13.54 -6.29 -12.51
C GLY B 133 13.18 -6.44 -13.98
N CYS B 134 13.50 -7.61 -14.53
CA CYS B 134 13.26 -7.85 -15.95
C CYS B 134 11.76 -7.96 -16.23
N SER B 135 11.44 -8.05 -17.52
CA SER B 135 10.06 -8.29 -17.93
C SER B 135 9.73 -9.76 -17.99
N ASP B 136 10.65 -10.57 -18.51
CA ASP B 136 10.48 -12.01 -18.56
C ASP B 136 11.28 -12.63 -17.42
N VAL B 137 10.57 -13.12 -16.41
CA VAL B 137 11.22 -13.77 -15.29
C VAL B 137 12.04 -14.95 -15.81
N GLU B 138 13.04 -15.35 -15.02
CA GLU B 138 14.04 -16.34 -15.42
C GLU B 138 14.86 -15.84 -16.60
N ARG B 139 15.17 -14.54 -16.59
CA ARG B 139 16.07 -13.96 -17.57
C ARG B 139 16.62 -12.66 -16.98
N GLU B 140 17.35 -11.88 -17.78
CA GLU B 140 18.07 -10.74 -17.27
C GLU B 140 17.96 -9.56 -18.23
N VAL B 141 18.13 -8.35 -17.69
CA VAL B 141 18.04 -7.15 -18.49
C VAL B 141 19.38 -6.88 -19.19
N VAL B 142 19.35 -5.96 -20.16
CA VAL B 142 20.54 -5.52 -20.85
C VAL B 142 20.62 -4.00 -20.75
N ALA B 143 21.85 -3.49 -20.84
CA ALA B 143 22.11 -2.09 -20.55
C ALA B 143 21.34 -1.16 -21.48
N ALA B 144 21.05 -1.59 -22.70
CA ALA B 144 20.30 -0.77 -23.62
C ALA B 144 18.85 -0.59 -23.18
N SER B 145 18.40 -1.33 -22.17
CA SER B 145 17.02 -1.25 -21.72
C SER B 145 16.85 -0.43 -20.46
N LEU B 146 17.92 -0.21 -19.69
CA LEU B 146 17.80 0.48 -18.42
C LEU B 146 17.80 1.99 -18.56
N SER B 147 18.69 2.53 -19.39
CA SER B 147 18.74 3.97 -19.61
C SER B 147 19.23 4.23 -21.03
N SER B 148 18.47 4.99 -21.79
CA SER B 148 18.89 5.36 -23.13
C SER B 148 20.04 6.35 -23.05
N GLU B 149 20.55 6.74 -24.22
CA GLU B 149 21.74 7.58 -24.28
C GLU B 149 21.49 8.95 -23.68
N ASP B 150 20.41 9.62 -24.07
CA ASP B 150 20.06 10.90 -23.48
C ASP B 150 18.59 11.09 -23.19
N THR B 151 17.69 10.31 -23.79
CA THR B 151 16.27 10.53 -23.60
C THR B 151 15.79 9.83 -22.33
N ALA B 152 14.56 10.14 -21.93
CA ALA B 152 13.97 9.58 -20.74
C ALA B 152 13.23 8.31 -21.07
N LYS B 153 13.41 7.29 -20.24
CA LYS B 153 12.67 6.05 -20.40
C LYS B 153 11.28 6.19 -19.81
N SER B 154 10.31 5.53 -20.43
CA SER B 154 8.92 5.70 -20.02
C SER B 154 8.42 4.48 -19.26
N PHE B 155 7.39 4.70 -18.47
CA PHE B 155 6.61 3.64 -17.86
C PHE B 155 5.45 3.26 -18.77
N SER B 156 4.83 2.13 -18.47
CA SER B 156 3.67 1.66 -19.21
C SER B 156 2.51 1.44 -18.26
N ARG B 157 1.29 1.62 -18.77
CA ARG B 157 0.11 1.41 -17.94
C ARG B 157 -0.18 -0.06 -17.73
N THR B 158 0.02 -0.87 -18.76
CA THR B 158 -0.18 -2.31 -18.68
C THR B 158 1.16 -3.00 -18.41
N GLU B 159 1.17 -4.32 -18.49
CA GLU B 159 2.38 -5.09 -18.25
C GLU B 159 3.29 -5.03 -19.47
N SER B 160 4.60 -5.01 -19.22
CA SER B 160 5.57 -5.06 -20.30
C SER B 160 5.78 -6.51 -20.72
N ASN B 161 5.76 -6.77 -22.02
CA ASN B 161 5.78 -8.12 -22.54
C ASN B 161 7.08 -8.50 -23.22
N GLY B 162 8.05 -7.60 -23.28
CA GLY B 162 9.30 -7.91 -23.95
C GLY B 162 10.06 -9.03 -23.28
N GLN B 163 11.08 -9.51 -23.99
CA GLN B 163 11.89 -10.62 -23.51
C GLN B 163 13.19 -10.19 -22.87
N HIS B 164 13.62 -8.93 -23.07
CA HIS B 164 14.85 -8.46 -22.46
C HIS B 164 14.73 -7.04 -21.92
N THR B 165 13.53 -6.58 -21.64
CA THR B 165 13.31 -5.22 -21.17
C THR B 165 12.93 -5.23 -19.70
N VAL B 166 12.92 -4.05 -19.11
CA VAL B 166 12.50 -3.88 -17.73
C VAL B 166 10.98 -3.88 -17.66
N GLN B 167 10.43 -4.27 -16.52
CA GLN B 167 8.98 -4.30 -16.32
C GLN B 167 8.51 -2.87 -16.08
N THR B 168 7.89 -2.26 -17.09
CA THR B 168 7.59 -0.83 -17.07
C THR B 168 6.18 -0.52 -16.59
N VAL B 169 5.58 -1.37 -15.77
CA VAL B 169 4.27 -1.05 -15.21
C VAL B 169 4.43 -0.05 -14.09
N VAL B 170 3.52 0.91 -13.99
CA VAL B 170 3.80 2.08 -13.17
C VAL B 170 3.49 1.83 -11.70
N TYR B 171 2.35 1.21 -11.39
CA TYR B 171 1.98 1.12 -9.98
C TYR B 171 2.90 0.22 -9.18
N ASN B 172 3.78 -0.53 -9.84
CA ASN B 172 4.84 -1.26 -9.17
C ASN B 172 6.17 -0.55 -9.26
N ALA B 173 6.23 0.59 -9.95
CA ALA B 173 7.42 1.43 -10.05
C ALA B 173 8.62 0.69 -10.62
N GLY B 174 8.40 -0.42 -11.31
CA GLY B 174 9.48 -1.12 -11.97
C GLY B 174 10.55 -1.67 -11.04
N MET B 175 10.32 -1.58 -9.73
CA MET B 175 11.23 -2.14 -8.76
C MET B 175 10.64 -3.24 -7.91
N GLY B 176 9.32 -3.39 -7.89
CA GLY B 176 8.67 -4.35 -7.04
C GLY B 176 8.03 -3.78 -5.79
N VAL B 177 8.06 -2.47 -5.62
CA VAL B 177 7.45 -1.84 -4.45
C VAL B 177 6.14 -1.19 -4.89
N GLY B 178 5.29 -0.89 -3.90
CA GLY B 178 4.09 -0.14 -4.19
C GLY B 178 4.44 1.31 -4.49
N VAL B 179 3.77 1.87 -5.50
CA VAL B 179 4.12 3.21 -5.91
C VAL B 179 3.77 4.24 -4.84
N GLY B 180 2.82 3.93 -3.97
CA GLY B 180 2.46 4.87 -2.94
C GLY B 180 3.52 5.06 -1.88
N ASN B 181 4.30 4.02 -1.61
CA ASN B 181 5.30 4.05 -0.56
C ASN B 181 6.63 4.62 -1.03
N LEU B 182 6.65 5.30 -2.17
CA LEU B 182 7.92 5.84 -2.65
C LEU B 182 8.33 7.11 -1.93
N THR B 183 7.49 7.65 -1.06
CA THR B 183 7.79 8.95 -0.49
C THR B 183 8.82 8.90 0.63
N ILE B 184 9.50 7.77 0.82
CA ILE B 184 10.56 7.74 1.83
C ILE B 184 11.77 8.50 1.33
N PHE B 185 12.15 8.27 0.08
CA PHE B 185 13.32 8.91 -0.48
C PHE B 185 13.06 10.41 -0.63
N PRO B 186 14.11 11.22 -0.74
CA PRO B 186 13.91 12.66 -0.92
C PRO B 186 12.96 12.96 -2.06
N HIS B 187 11.89 13.68 -1.78
CA HIS B 187 10.85 13.90 -2.77
C HIS B 187 10.23 15.28 -2.58
N GLN B 188 9.75 15.84 -3.69
CA GLN B 188 8.85 16.99 -3.66
C GLN B 188 7.73 16.75 -4.67
N TRP B 189 6.74 17.62 -4.64
CA TRP B 189 5.55 17.46 -5.48
C TRP B 189 5.39 18.69 -6.33
N ILE B 190 5.31 18.51 -7.65
CA ILE B 190 5.03 19.60 -8.57
C ILE B 190 3.52 19.61 -8.73
N ASN B 191 2.84 20.32 -7.84
CA ASN B 191 1.40 20.50 -7.93
C ASN B 191 1.15 21.78 -8.71
N LEU B 192 0.62 21.64 -9.93
CA LEU B 192 0.45 22.80 -10.80
C LEU B 192 -0.47 23.85 -10.22
N ARG B 193 -1.13 23.56 -9.11
CA ARG B 193 -1.98 24.55 -8.47
C ARG B 193 -1.15 25.60 -7.74
N THR B 194 -0.13 25.18 -6.99
CA THR B 194 0.65 26.11 -6.19
C THR B 194 2.13 26.16 -6.57
N ASN B 195 2.65 25.19 -7.28
CA ASN B 195 4.09 25.05 -7.47
C ASN B 195 4.46 25.17 -8.94
N ASN B 196 5.75 25.40 -9.19
CA ASN B 196 6.25 25.59 -10.54
C ASN B 196 7.47 24.73 -10.80
N SER B 197 8.23 24.44 -9.74
CA SER B 197 9.44 23.64 -9.87
C SER B 197 9.68 22.92 -8.55
N ALA B 198 10.73 22.10 -8.53
CA ALA B 198 11.08 21.36 -7.32
C ALA B 198 12.56 21.06 -7.34
N THR B 199 13.26 21.37 -6.26
CA THR B 199 14.69 21.17 -6.15
C THR B 199 14.97 20.08 -5.13
N ILE B 200 16.00 19.29 -5.37
CA ILE B 200 16.48 18.29 -4.43
C ILE B 200 17.99 18.31 -4.45
N VAL B 201 18.61 18.41 -3.27
CA VAL B 201 20.06 18.34 -3.15
C VAL B 201 20.40 16.95 -2.64
N MET B 202 20.91 16.10 -3.52
CA MET B 202 21.21 14.72 -3.13
C MET B 202 22.70 14.57 -2.91
N PRO B 203 23.13 14.17 -1.73
CA PRO B 203 24.56 13.96 -1.49
C PRO B 203 25.01 12.63 -2.06
N TYR B 204 26.27 12.25 -1.79
CA TYR B 204 26.84 11.02 -2.32
C TYR B 204 26.43 9.87 -1.40
N ILE B 205 25.57 8.99 -1.88
CA ILE B 205 25.04 7.88 -1.11
C ILE B 205 25.58 6.60 -1.73
N ASN B 206 26.57 6.01 -1.06
CA ASN B 206 27.17 4.77 -1.54
C ASN B 206 27.91 4.10 -0.40
N SER B 207 28.17 2.81 -0.55
CA SER B 207 28.83 2.05 0.50
C SER B 207 30.34 2.15 0.45
N VAL B 208 30.93 2.21 -0.75
CA VAL B 208 32.36 2.38 -0.89
C VAL B 208 32.60 3.87 -1.10
N PRO B 209 33.66 4.46 -0.54
CA PRO B 209 33.78 5.93 -0.59
C PRO B 209 33.79 6.48 -2.00
N MET B 210 34.36 5.78 -2.96
CA MET B 210 34.36 6.22 -4.35
C MET B 210 34.11 5.02 -5.24
N ASP B 211 33.51 5.26 -6.39
CA ASP B 211 33.20 4.15 -7.27
C ASP B 211 33.26 4.60 -8.72
N ASN B 212 33.53 3.65 -9.61
CA ASN B 212 33.57 3.93 -11.04
C ASN B 212 32.16 4.21 -11.54
N MET B 213 31.96 5.38 -12.11
CA MET B 213 30.64 5.80 -12.52
C MET B 213 30.34 5.47 -13.99
N PHE B 214 30.57 4.23 -14.35
CA PHE B 214 30.03 3.62 -15.56
C PHE B 214 29.32 2.32 -15.29
N ARG B 215 29.81 1.53 -14.33
CA ARG B 215 29.17 0.26 -14.00
C ARG B 215 28.33 0.36 -12.75
N HIS B 216 27.95 1.57 -12.34
CA HIS B 216 27.18 1.74 -11.12
C HIS B 216 26.34 3.01 -11.26
N TYR B 217 25.06 2.85 -11.59
CA TYR B 217 24.14 3.97 -11.55
C TYR B 217 23.87 4.32 -10.10
N ASN B 218 24.34 5.48 -9.65
CA ASN B 218 24.24 5.84 -8.25
C ASN B 218 22.79 5.89 -7.79
N PHE B 219 21.94 6.59 -8.54
CA PHE B 219 20.54 6.65 -8.16
C PHE B 219 19.71 6.93 -9.40
N THR B 220 18.40 6.74 -9.26
CA THR B 220 17.45 6.92 -10.34
C THR B 220 16.48 8.02 -9.98
N LEU B 221 16.25 8.93 -10.91
CA LEU B 221 15.29 10.01 -10.75
C LEU B 221 13.99 9.60 -11.41
N MET B 222 12.88 9.74 -10.69
CA MET B 222 11.58 9.32 -11.20
C MET B 222 10.59 10.47 -11.16
N ILE B 223 9.67 10.48 -12.12
CA ILE B 223 8.57 11.44 -12.17
C ILE B 223 7.31 10.66 -12.48
N ILE B 224 6.37 10.65 -11.54
CA ILE B 224 5.15 9.85 -11.67
C ILE B 224 3.95 10.75 -11.42
N PRO B 225 3.06 10.91 -12.38
CA PRO B 225 1.87 11.74 -12.16
C PRO B 225 0.76 11.01 -11.44
N PHE B 226 0.42 11.44 -10.22
CA PHE B 226 -0.69 10.81 -9.51
C PHE B 226 -2.02 11.38 -9.96
N ALA B 227 -2.14 12.70 -9.99
CA ALA B 227 -3.32 13.38 -10.48
C ALA B 227 -3.02 13.84 -11.90
N LYS B 228 -3.63 13.18 -12.87
CA LYS B 228 -3.20 13.39 -14.25
C LYS B 228 -3.62 14.77 -14.72
N LEU B 229 -3.02 15.18 -15.84
CA LEU B 229 -3.24 16.49 -16.42
C LEU B 229 -4.54 16.52 -17.20
N GLU B 230 -5.40 17.49 -16.89
CA GLU B 230 -6.61 17.72 -17.67
C GLU B 230 -6.87 19.21 -17.77
N TYR B 231 -7.45 19.62 -18.89
CA TYR B 231 -7.69 21.03 -19.15
C TYR B 231 -8.87 21.13 -20.13
N THR B 232 -9.03 22.31 -20.73
CA THR B 232 -10.12 22.61 -21.64
C THR B 232 -9.53 23.00 -22.99
N GLU B 233 -10.38 23.09 -24.01
CA GLU B 233 -9.91 23.38 -25.35
C GLU B 233 -9.37 24.81 -25.50
N GLN B 234 -9.67 25.72 -24.59
CA GLN B 234 -9.15 27.08 -24.74
C GLN B 234 -7.66 27.12 -24.49
N ALA B 235 -7.16 26.23 -23.65
CA ALA B 235 -5.78 26.31 -23.18
C ALA B 235 -4.83 25.70 -24.20
N SER B 236 -3.54 25.81 -23.93
CA SER B 236 -2.53 25.19 -24.76
C SER B 236 -2.37 23.72 -24.37
N ASN B 237 -2.06 22.90 -25.37
CA ASN B 237 -2.06 21.45 -25.20
C ASN B 237 -0.66 20.87 -25.33
N TYR B 238 0.36 21.62 -24.92
CA TYR B 238 1.75 21.13 -24.96
C TYR B 238 2.42 21.61 -23.67
N VAL B 239 2.39 20.77 -22.64
CA VAL B 239 2.99 21.11 -21.36
C VAL B 239 4.26 20.28 -21.19
N PRO B 240 5.44 20.85 -21.40
CA PRO B 240 6.67 20.08 -21.32
C PRO B 240 7.30 20.15 -19.93
N ILE B 241 8.15 19.16 -19.67
CA ILE B 241 8.94 19.09 -18.44
C ILE B 241 10.41 19.05 -18.82
N THR B 242 11.23 19.79 -18.08
CA THR B 242 12.67 19.78 -18.29
C THR B 242 13.37 19.50 -16.98
N VAL B 243 14.47 18.75 -17.04
CA VAL B 243 15.25 18.42 -15.87
C VAL B 243 16.62 19.08 -16.01
N THR B 244 17.10 19.67 -14.91
CA THR B 244 18.40 20.32 -14.90
C THR B 244 19.13 19.87 -13.63
N VAL B 245 20.24 19.17 -13.80
CA VAL B 245 21.03 18.70 -12.67
C VAL B 245 22.40 19.36 -12.73
N ALA B 246 23.03 19.45 -11.56
CA ALA B 246 24.38 20.00 -11.46
C ALA B 246 25.17 19.15 -10.48
N PRO B 247 26.26 18.52 -10.90
CA PRO B 247 27.13 17.84 -9.94
C PRO B 247 27.70 18.85 -8.95
N MET B 248 28.05 18.38 -7.77
CA MET B 248 28.54 19.25 -6.71
C MET B 248 29.72 18.60 -6.02
N CYS B 249 30.81 19.37 -5.88
CA CYS B 249 32.00 18.92 -5.17
C CYS B 249 32.49 17.59 -5.73
N ALA B 250 32.78 17.58 -7.02
CA ALA B 250 33.20 16.38 -7.71
C ALA B 250 34.71 16.21 -7.64
N GLU B 251 35.16 14.96 -7.61
CA GLU B 251 36.58 14.66 -7.68
C GLU B 251 36.76 13.27 -8.29
N TYR B 252 38.01 12.95 -8.63
CA TYR B 252 38.29 11.71 -9.32
C TYR B 252 39.68 11.22 -8.92
N ASN B 253 39.97 9.97 -9.28
CA ASN B 253 41.28 9.39 -9.03
C ASN B 253 41.57 8.38 -10.12
N GLY B 254 42.82 7.92 -10.16
CA GLY B 254 43.17 6.84 -11.06
C GLY B 254 43.08 7.21 -12.51
N LEU B 255 43.98 8.05 -13.00
CA LEU B 255 43.93 8.50 -14.37
C LEU B 255 44.42 7.40 -15.30
N ARG B 256 43.65 7.12 -16.34
CA ARG B 256 43.90 6.04 -17.28
C ARG B 256 43.74 6.58 -18.70
N LEU B 257 43.78 5.70 -19.70
CA LEU B 257 43.51 6.14 -21.09
C LEU B 257 42.00 6.34 -21.23
N ALA B 258 41.55 6.95 -22.32
CA ALA B 258 40.08 7.13 -22.54
C ALA B 258 39.43 5.75 -22.64
N SER B 259 38.31 5.55 -21.94
CA SER B 259 37.66 4.20 -21.93
C SER B 259 36.14 4.35 -22.02
N HIS B 260 35.46 3.34 -22.57
CA HIS B 260 33.97 3.36 -22.68
C HIS B 260 33.53 4.64 -23.41
N GLN B 261 34.23 4.99 -24.49
CA GLN B 261 33.92 6.22 -25.26
C GLN B 261 33.08 5.86 -26.48
N GLY C 1 35.92 -29.91 40.67
CA GLY C 1 36.08 -28.48 40.89
C GLY C 1 34.88 -27.87 41.57
N LEU C 2 34.37 -26.81 40.98
CA LEU C 2 33.21 -26.12 41.55
C LEU C 2 31.95 -26.95 41.28
N PRO C 3 31.12 -27.16 42.28
CA PRO C 3 29.91 -27.98 42.09
C PRO C 3 28.74 -27.19 41.55
N THR C 4 28.16 -27.63 40.44
CA THR C 4 27.01 -26.97 39.84
C THR C 4 25.86 -27.94 39.72
N MET C 5 24.74 -27.45 39.18
CA MET C 5 23.54 -28.25 39.02
C MET C 5 22.74 -27.65 37.86
N LEU C 6 22.56 -28.42 36.79
CA LEU C 6 22.01 -27.87 35.57
C LEU C 6 20.52 -27.57 35.75
N THR C 7 20.16 -26.30 35.65
CA THR C 7 18.80 -25.87 35.83
C THR C 7 17.95 -26.30 34.64
N PRO C 8 16.63 -26.39 34.82
CA PRO C 8 15.75 -26.59 33.67
C PRO C 8 15.96 -25.52 32.62
N GLY C 9 15.86 -25.94 31.37
CA GLY C 9 16.08 -25.04 30.27
C GLY C 9 17.48 -25.08 29.69
N SER C 10 18.25 -26.11 29.99
CA SER C 10 19.58 -26.24 29.43
C SER C 10 19.53 -26.95 28.10
N ASN C 11 20.63 -26.87 27.37
CA ASN C 11 20.79 -27.53 26.07
C ASN C 11 19.68 -27.16 25.10
N GLN C 12 18.98 -26.06 25.34
CA GLN C 12 17.91 -25.62 24.45
C GLN C 12 18.41 -24.46 23.60
N PHE C 13 17.64 -24.16 22.55
CA PHE C 13 18.02 -23.14 21.57
C PHE C 13 16.86 -22.17 21.41
N LEU C 14 16.87 -21.09 22.17
CA LEU C 14 15.86 -20.04 22.04
C LEU C 14 16.31 -19.05 20.99
N THR C 15 15.40 -18.67 20.09
CA THR C 15 15.78 -17.81 18.99
C THR C 15 15.93 -16.35 19.37
N SER C 16 15.42 -15.94 20.52
CA SER C 16 15.45 -14.53 20.92
C SER C 16 16.17 -14.33 22.24
N ASP C 17 17.30 -15.01 22.42
CA ASP C 17 18.10 -14.87 23.62
C ASP C 17 19.34 -14.02 23.35
N ASP C 18 20.00 -13.61 24.43
CA ASP C 18 21.19 -12.78 24.36
C ASP C 18 22.30 -13.52 25.10
N PHE C 19 23.08 -14.31 24.36
CA PHE C 19 24.19 -15.05 24.93
C PHE C 19 25.47 -14.69 24.21
N GLN C 20 26.59 -14.87 24.89
CA GLN C 20 27.87 -14.71 24.23
C GLN C 20 28.22 -15.99 23.47
N SER C 21 29.20 -15.87 22.57
CA SER C 21 29.54 -17.00 21.75
C SER C 21 30.98 -16.87 21.27
N PRO C 22 31.72 -17.96 21.18
CA PRO C 22 33.11 -17.86 20.71
C PRO C 22 33.15 -17.51 19.25
N SER C 23 34.04 -16.57 18.91
CA SER C 23 34.13 -16.08 17.54
C SER C 23 34.85 -17.10 16.67
N ALA C 24 34.42 -17.22 15.42
CA ALA C 24 35.02 -18.19 14.52
C ALA C 24 36.43 -17.78 14.13
N MET C 25 36.58 -16.53 13.67
CA MET C 25 37.88 -16.03 13.26
C MET C 25 38.32 -14.94 14.23
N PRO C 26 39.26 -15.21 15.13
CA PRO C 26 39.63 -14.23 16.14
C PRO C 26 40.58 -13.19 15.58
N GLN C 27 40.66 -12.06 16.29
CA GLN C 27 41.53 -10.95 15.91
C GLN C 27 41.28 -10.49 14.48
N PHE C 28 40.05 -10.62 13.99
CA PHE C 28 39.74 -10.12 12.67
C PHE C 28 39.77 -8.60 12.68
N ASP C 29 40.37 -8.03 11.64
CA ASP C 29 40.45 -6.58 11.49
C ASP C 29 39.29 -6.13 10.61
N VAL C 30 38.32 -5.48 11.23
CA VAL C 30 37.13 -5.06 10.50
C VAL C 30 37.43 -3.76 9.77
N THR C 31 36.78 -3.56 8.63
CA THR C 31 36.98 -2.35 7.87
C THR C 31 36.35 -1.17 8.60
N PRO C 32 36.94 0.02 8.47
CA PRO C 32 36.42 1.17 9.22
C PRO C 32 35.04 1.58 8.75
N GLU C 33 34.33 2.28 9.64
CA GLU C 33 32.99 2.76 9.34
C GLU C 33 33.07 4.17 8.77
N MET C 34 32.33 4.41 7.69
CA MET C 34 32.24 5.73 7.08
C MET C 34 30.85 6.30 7.24
N LYS C 35 30.75 7.62 7.17
CA LYS C 35 29.52 8.34 7.49
C LYS C 35 28.59 8.32 6.28
N ILE C 36 27.87 7.23 6.14
CA ILE C 36 26.84 7.13 5.11
C ILE C 36 25.61 7.92 5.58
N PRO C 37 25.07 8.82 4.76
CA PRO C 37 23.96 9.65 5.22
C PRO C 37 22.65 8.88 5.22
N GLY C 38 21.87 9.08 6.28
CA GLY C 38 20.54 8.50 6.36
C GLY C 38 20.42 7.32 7.30
N GLU C 39 21.11 7.37 8.43
CA GLU C 39 21.04 6.27 9.38
C GLU C 39 19.66 6.18 10.02
N VAL C 40 19.14 4.98 10.13
CA VAL C 40 17.87 4.72 10.78
C VAL C 40 18.18 4.15 12.17
N HIS C 41 17.86 4.92 13.21
CA HIS C 41 18.10 4.47 14.57
C HIS C 41 16.89 3.78 15.18
N ASN C 42 15.70 4.05 14.66
CA ASN C 42 14.50 3.40 15.14
C ASN C 42 13.50 3.33 14.00
N LEU C 43 12.68 2.29 14.00
CA LEU C 43 11.79 2.04 12.88
C LEU C 43 10.64 3.03 12.85
N MET C 44 10.33 3.67 13.97
CA MET C 44 9.29 4.70 13.95
C MET C 44 9.74 5.93 13.18
N GLU C 45 11.05 6.13 13.01
CA GLU C 45 11.51 7.18 12.12
C GLU C 45 11.12 6.90 10.67
N ILE C 46 10.85 5.65 10.34
CA ILE C 46 10.27 5.31 9.05
C ILE C 46 8.77 5.41 9.07
N ALA C 47 8.15 4.91 10.14
CA ALA C 47 6.70 4.94 10.20
C ALA C 47 6.12 6.35 10.31
N GLU C 48 6.95 7.36 10.57
CA GLU C 48 6.46 8.72 10.72
C GLU C 48 6.50 9.51 9.43
N VAL C 49 6.73 8.86 8.29
CA VAL C 49 6.85 9.54 7.01
C VAL C 49 5.57 9.29 6.22
N ASP C 50 5.05 10.33 5.60
CA ASP C 50 3.80 10.21 4.86
C ASP C 50 3.93 9.24 3.69
N SER C 51 2.82 8.62 3.35
CA SER C 51 2.72 7.76 2.18
C SER C 51 1.30 7.83 1.67
N VAL C 52 1.14 7.65 0.37
CA VAL C 52 -0.17 7.81 -0.25
C VAL C 52 -1.05 6.62 0.10
N VAL C 53 -2.35 6.88 0.21
CA VAL C 53 -3.30 5.90 0.72
C VAL C 53 -4.28 5.55 -0.39
N PRO C 54 -4.30 4.32 -0.87
CA PRO C 54 -5.20 3.96 -1.95
C PRO C 54 -6.65 3.85 -1.51
N VAL C 55 -7.33 4.97 -1.26
CA VAL C 55 -8.69 4.89 -0.73
C VAL C 55 -9.73 4.56 -1.78
N ASN C 56 -9.37 4.56 -3.06
CA ASN C 56 -10.30 4.29 -4.15
C ASN C 56 -10.07 2.90 -4.72
N ASN C 57 -9.82 1.92 -3.83
CA ASN C 57 -9.50 0.54 -4.28
C ASN C 57 -10.78 -0.30 -4.39
N THR C 58 -11.70 0.11 -5.26
CA THR C 58 -12.99 -0.63 -5.41
C THR C 58 -13.03 -1.33 -6.76
N LYS C 59 -13.36 -2.63 -6.77
CA LYS C 59 -13.48 -3.42 -8.03
C LYS C 59 -12.20 -3.29 -8.87
N GLU C 60 -12.33 -2.95 -10.16
CA GLU C 60 -11.16 -2.88 -11.07
C GLU C 60 -10.47 -1.53 -10.94
N ASN C 61 -9.76 -1.28 -9.83
CA ASN C 61 -8.99 -0.01 -9.65
C ASN C 61 -7.63 -0.38 -9.06
N ILE C 62 -7.53 -1.57 -8.47
CA ILE C 62 -6.29 -2.00 -7.82
C ILE C 62 -5.20 -2.33 -8.82
N ASN C 63 -5.53 -2.48 -10.11
CA ASN C 63 -4.55 -2.74 -11.15
C ASN C 63 -4.29 -1.51 -12.00
N SER C 64 -4.32 -0.33 -11.39
CA SER C 64 -4.05 0.91 -12.10
C SER C 64 -3.64 1.95 -11.08
N MET C 65 -3.37 3.16 -11.57
CA MET C 65 -3.11 4.27 -10.67
C MET C 65 -4.38 4.85 -10.09
N GLU C 66 -5.54 4.43 -10.57
CA GLU C 66 -6.79 5.02 -10.10
C GLU C 66 -7.05 4.74 -8.63
N ALA C 67 -6.36 3.78 -8.03
CA ALA C 67 -6.60 3.47 -6.64
C ALA C 67 -6.26 4.62 -5.72
N TYR C 68 -5.38 5.52 -6.15
CA TYR C 68 -4.90 6.59 -5.29
C TYR C 68 -5.70 7.88 -5.42
N ARG C 69 -6.58 7.99 -6.40
CA ARG C 69 -7.30 9.23 -6.68
C ARG C 69 -8.72 9.17 -6.17
N ILE C 70 -9.14 10.21 -5.48
CA ILE C 70 -10.51 10.37 -5.02
C ILE C 70 -11.23 11.32 -5.98
N PRO C 71 -12.32 10.90 -6.60
CA PRO C 71 -13.00 11.80 -7.55
C PRO C 71 -13.92 12.75 -6.81
N VAL C 72 -13.83 14.02 -7.20
CA VAL C 72 -14.69 15.08 -6.66
C VAL C 72 -15.27 15.84 -7.84
N THR C 73 -16.54 16.21 -7.74
CA THR C 73 -17.20 16.98 -8.79
C THR C 73 -17.84 18.21 -8.18
N GLY C 74 -18.40 19.05 -9.04
CA GLY C 74 -18.89 20.33 -8.58
C GLY C 74 -20.37 20.56 -8.81
N GLY C 75 -21.16 19.51 -8.66
CA GLY C 75 -22.60 19.61 -8.81
C GLY C 75 -23.28 20.04 -7.52
N ASP C 76 -24.59 19.84 -7.46
CA ASP C 76 -25.34 20.17 -6.22
C ASP C 76 -24.67 19.47 -5.04
N GLN C 77 -24.61 18.13 -5.07
CA GLN C 77 -23.96 17.34 -3.98
C GLN C 77 -24.48 17.79 -2.62
N LEU C 78 -23.65 17.91 -1.60
CA LEU C 78 -24.14 18.22 -0.22
C LEU C 78 -24.88 17.00 0.32
N HIS C 79 -25.22 16.05 -0.53
CA HIS C 79 -25.84 14.80 -0.01
C HIS C 79 -24.99 13.58 -0.36
N THR C 80 -23.71 13.77 -0.71
CA THR C 80 -22.90 12.62 -1.17
C THR C 80 -21.66 12.40 -0.31
N GLN C 81 -21.39 11.14 0.07
CA GLN C 81 -20.23 10.82 0.87
C GLN C 81 -19.01 10.72 -0.04
N VAL C 82 -17.95 11.45 0.30
CA VAL C 82 -16.77 11.44 -0.55
C VAL C 82 -15.98 10.16 -0.36
N PHE C 83 -15.91 9.66 0.87
CA PHE C 83 -15.28 8.38 1.16
C PHE C 83 -15.52 8.04 2.61
N GLY C 84 -15.55 6.74 2.90
CA GLY C 84 -15.67 6.27 4.27
C GLY C 84 -14.95 4.96 4.45
N PHE C 85 -14.12 4.85 5.48
CA PHE C 85 -13.39 3.61 5.73
C PHE C 85 -13.12 3.49 7.21
N GLN C 86 -13.07 2.25 7.69
CA GLN C 86 -12.82 2.03 9.10
C GLN C 86 -11.40 2.45 9.45
N MET C 87 -11.19 2.67 10.75
CA MET C 87 -9.85 2.96 11.26
C MET C 87 -9.25 1.64 11.73
N GLN C 88 -8.53 0.99 10.83
CA GLN C 88 -7.91 -0.31 11.13
C GLN C 88 -6.56 -0.34 10.44
N PRO C 89 -5.56 0.35 11.00
CA PRO C 89 -4.28 0.51 10.31
C PRO C 89 -3.47 -0.76 10.21
N GLY C 90 -3.94 -1.88 10.73
CA GLY C 90 -3.23 -3.11 10.52
C GLY C 90 -3.96 -4.07 9.60
N LEU C 91 -5.28 -4.12 9.74
CA LEU C 91 -6.11 -5.04 8.99
C LEU C 91 -7.20 -4.22 8.32
N ASN C 92 -6.90 -3.70 7.13
CA ASN C 92 -7.89 -3.01 6.34
C ASN C 92 -7.43 -2.96 4.90
N SER C 93 -8.37 -3.08 3.99
CA SER C 93 -8.01 -3.04 2.58
C SER C 93 -7.49 -1.68 2.16
N VAL C 94 -7.76 -0.63 2.94
CA VAL C 94 -7.41 0.71 2.52
C VAL C 94 -5.92 0.95 2.70
N PHE C 95 -5.43 0.89 3.93
CA PHE C 95 -4.04 1.22 4.19
C PHE C 95 -3.36 0.16 5.03
N LYS C 96 -3.50 -1.11 4.64
CA LYS C 96 -2.59 -2.12 5.14
C LYS C 96 -1.36 -2.29 4.27
N ARG C 97 -1.39 -1.79 3.04
CA ARG C 97 -0.26 -1.84 2.13
C ARG C 97 0.47 -0.51 2.02
N THR C 98 0.06 0.49 2.80
CA THR C 98 0.78 1.76 2.82
C THR C 98 2.09 1.57 3.57
N LEU C 99 2.83 2.66 3.76
CA LEU C 99 4.07 2.56 4.53
C LEU C 99 3.81 2.29 6.00
N LEU C 100 2.70 2.80 6.53
CA LEU C 100 2.40 2.58 7.94
C LEU C 100 2.00 1.14 8.19
N GLY C 101 1.10 0.60 7.38
CA GLY C 101 0.62 -0.75 7.60
C GLY C 101 1.68 -1.81 7.43
N GLU C 102 2.69 -1.56 6.59
CA GLU C 102 3.71 -2.58 6.39
C GLU C 102 4.59 -2.71 7.63
N ILE C 103 4.87 -1.60 8.30
CA ILE C 103 5.59 -1.69 9.56
C ILE C 103 4.68 -2.22 10.67
N LEU C 104 3.40 -1.86 10.63
CA LEU C 104 2.50 -2.33 11.68
C LEU C 104 2.35 -3.84 11.65
N ASN C 105 2.14 -4.40 10.46
CA ASN C 105 1.90 -5.83 10.37
C ASN C 105 3.08 -6.67 10.82
N TYR C 106 4.20 -6.06 11.16
CA TYR C 106 5.30 -6.76 11.80
C TYR C 106 5.12 -6.86 13.30
N TYR C 107 3.96 -6.46 13.83
CA TYR C 107 3.77 -6.44 15.27
C TYR C 107 2.33 -6.85 15.58
N ALA C 108 1.99 -6.84 16.86
CA ALA C 108 0.67 -7.25 17.32
C ALA C 108 -0.12 -6.16 18.01
N HIS C 109 0.54 -5.25 18.72
CA HIS C 109 -0.13 -4.15 19.39
C HIS C 109 0.36 -2.82 18.83
N TRP C 110 -0.50 -1.80 18.92
CA TRP C 110 -0.13 -0.47 18.51
C TRP C 110 -0.87 0.53 19.39
N SER C 111 -0.44 1.79 19.30
CA SER C 111 -1.02 2.84 20.12
C SER C 111 -0.60 4.19 19.58
N GLY C 112 -1.32 5.22 19.97
CA GLY C 112 -1.00 6.58 19.58
C GLY C 112 -1.96 7.09 18.53
N SER C 113 -1.73 8.34 18.14
CA SER C 113 -2.60 9.04 17.20
C SER C 113 -2.02 8.95 15.80
N VAL C 114 -2.90 8.78 14.82
CA VAL C 114 -2.51 8.65 13.42
C VAL C 114 -3.00 9.88 12.67
N LYS C 115 -2.13 10.45 11.85
CA LYS C 115 -2.48 11.62 11.08
C LYS C 115 -3.08 11.23 9.74
N LEU C 116 -3.81 12.15 9.14
CA LEU C 116 -4.30 12.00 7.77
C LEU C 116 -4.18 13.35 7.09
N THR C 117 -3.37 13.42 6.05
CA THR C 117 -3.17 14.64 5.29
C THR C 117 -3.89 14.53 3.95
N PHE C 118 -4.67 15.55 3.62
CA PHE C 118 -5.44 15.59 2.38
C PHE C 118 -4.92 16.71 1.51
N VAL C 119 -4.54 16.38 0.27
CA VAL C 119 -4.03 17.35 -0.66
C VAL C 119 -5.07 17.57 -1.75
N PHE C 120 -5.31 18.82 -2.10
CA PHE C 120 -6.22 19.17 -3.17
C PHE C 120 -5.41 19.32 -4.45
N CYS C 121 -5.76 18.53 -5.47
CA CYS C 121 -5.03 18.54 -6.72
C CYS C 121 -5.86 19.09 -7.88
N GLY C 122 -6.75 20.03 -7.58
CA GLY C 122 -7.57 20.64 -8.60
C GLY C 122 -6.87 21.79 -9.30
N SER C 123 -7.66 22.57 -10.02
CA SER C 123 -7.14 23.75 -10.70
C SER C 123 -6.71 24.80 -9.67
N ALA C 124 -6.21 25.92 -10.18
CA ALA C 124 -5.80 27.01 -9.31
C ALA C 124 -6.94 27.98 -9.01
N MET C 125 -8.05 27.90 -9.74
CA MET C 125 -9.17 28.80 -9.53
C MET C 125 -10.33 28.17 -8.79
N ALA C 126 -10.30 26.85 -8.60
CA ALA C 126 -11.42 26.16 -7.97
C ALA C 126 -11.35 26.34 -6.46
N THR C 127 -12.46 26.77 -5.89
CA THR C 127 -12.60 26.84 -4.44
C THR C 127 -13.43 25.66 -3.96
N GLY C 128 -13.75 25.65 -2.67
CA GLY C 128 -14.55 24.58 -2.11
C GLY C 128 -14.23 24.37 -0.65
N LYS C 129 -15.10 23.62 0.01
CA LYS C 129 -14.92 23.29 1.42
C LYS C 129 -15.34 21.85 1.64
N PHE C 130 -14.72 21.21 2.62
CA PHE C 130 -15.05 19.84 2.94
C PHE C 130 -15.04 19.64 4.44
N LEU C 131 -15.87 18.70 4.90
CA LEU C 131 -15.98 18.35 6.30
C LEU C 131 -15.36 16.99 6.51
N LEU C 132 -14.24 16.93 7.20
CA LEU C 132 -13.53 15.68 7.44
C LEU C 132 -13.84 15.24 8.87
N ALA C 133 -14.77 14.32 9.01
CA ALA C 133 -15.24 13.89 10.31
C ALA C 133 -14.62 12.56 10.69
N TYR C 134 -14.51 12.35 12.00
CA TYR C 134 -14.10 11.07 12.58
C TYR C 134 -15.10 10.73 13.67
N SER C 135 -15.63 9.51 13.62
CA SER C 135 -16.63 9.07 14.63
C SER C 135 -16.02 8.00 15.53
N PRO C 136 -16.11 8.13 16.87
CA PRO C 136 -15.64 7.09 17.79
C PRO C 136 -16.58 5.88 17.64
N PRO C 137 -16.15 4.65 17.99
CA PRO C 137 -17.00 3.47 17.76
C PRO C 137 -18.08 3.33 18.85
N GLY C 138 -19.08 4.22 18.81
CA GLY C 138 -20.17 4.18 19.79
C GLY C 138 -21.48 3.75 19.13
N ALA C 139 -21.74 4.25 17.91
CA ALA C 139 -22.94 3.83 17.19
C ALA C 139 -22.60 3.53 15.73
N SER C 140 -23.63 3.41 14.90
CA SER C 140 -23.46 3.06 13.51
C SER C 140 -22.76 4.18 12.75
N PRO C 141 -22.16 3.87 11.61
CA PRO C 141 -21.44 4.90 10.84
C PRO C 141 -22.39 5.96 10.32
N PRO C 142 -21.95 7.22 10.29
CA PRO C 142 -22.83 8.31 9.87
C PRO C 142 -23.27 8.12 8.42
N GLN C 143 -24.37 8.80 8.07
CA GLN C 143 -24.87 8.69 6.71
C GLN C 143 -25.27 10.00 6.07
N ASN C 144 -25.41 11.09 6.82
CA ASN C 144 -25.58 12.42 6.25
C ASN C 144 -24.77 13.39 7.08
N ARG C 145 -24.55 14.59 6.53
CA ARG C 145 -23.67 15.54 7.20
C ARG C 145 -24.16 15.84 8.61
N LYS C 146 -25.46 15.80 8.86
CA LYS C 146 -25.98 15.96 10.20
C LYS C 146 -25.33 14.99 11.17
N GLN C 147 -25.48 13.69 10.92
CA GLN C 147 -24.97 12.69 11.86
C GLN C 147 -23.45 12.66 11.91
N ALA C 148 -22.75 13.27 10.96
CA ALA C 148 -21.30 13.25 11.01
C ALA C 148 -20.71 14.49 11.66
N MET C 149 -21.45 15.60 11.67
CA MET C 149 -20.92 16.84 12.22
C MET C 149 -20.77 16.81 13.73
N LEU C 150 -21.31 15.79 14.40
CA LEU C 150 -21.24 15.77 15.86
C LEU C 150 -19.87 15.29 16.33
N GLY C 151 -19.34 14.23 15.73
CA GLY C 151 -18.08 13.68 16.16
C GLY C 151 -16.92 14.62 15.87
N THR C 152 -15.72 14.16 16.23
CA THR C 152 -14.52 14.92 15.98
C THR C 152 -14.38 15.25 14.50
N HIS C 153 -14.45 16.52 14.14
CA HIS C 153 -14.43 16.90 12.74
C HIS C 153 -13.71 18.23 12.56
N VAL C 154 -13.00 18.35 11.45
CA VAL C 154 -12.36 19.60 11.04
C VAL C 154 -12.97 20.03 9.72
N ILE C 155 -12.98 21.34 9.49
CA ILE C 155 -13.53 21.92 8.27
C ILE C 155 -12.40 22.45 7.43
N TRP C 156 -12.32 21.99 6.19
CA TRP C 156 -11.16 22.23 5.34
C TRP C 156 -11.53 23.19 4.22
N ASP C 157 -10.79 24.29 4.11
CA ASP C 157 -10.95 25.25 3.03
C ASP C 157 -9.72 25.22 2.14
N VAL C 158 -9.95 25.13 0.83
CA VAL C 158 -8.86 25.13 -0.13
C VAL C 158 -8.54 26.57 -0.51
N GLY C 159 -7.27 26.91 -0.47
CA GLY C 159 -6.82 28.25 -0.85
C GLY C 159 -5.42 28.18 -1.39
N LEU C 160 -4.57 29.13 -0.99
CA LEU C 160 -3.16 29.03 -1.36
C LEU C 160 -2.51 27.83 -0.70
N GLN C 161 -2.97 27.46 0.49
CA GLN C 161 -2.50 26.27 1.18
C GLN C 161 -3.34 25.08 0.73
N SER C 162 -2.68 24.01 0.29
CA SER C 162 -3.38 22.88 -0.32
C SER C 162 -3.30 21.62 0.53
N SER C 163 -3.35 21.76 1.86
CA SER C 163 -3.29 20.59 2.71
C SER C 163 -3.95 20.89 4.06
N CYS C 164 -4.66 19.90 4.59
CA CYS C 164 -5.29 20.02 5.90
C CYS C 164 -5.17 18.68 6.60
N VAL C 165 -4.50 18.66 7.74
CA VAL C 165 -4.15 17.42 8.41
C VAL C 165 -5.21 17.13 9.47
N LEU C 166 -6.20 16.33 9.11
CA LEU C 166 -7.13 15.82 10.10
C LEU C 166 -6.37 14.86 11.00
N CYS C 167 -6.21 15.22 12.27
CA CYS C 167 -5.39 14.45 13.20
C CYS C 167 -6.32 13.58 14.03
N ILE C 168 -6.36 12.29 13.71
CA ILE C 168 -7.23 11.35 14.40
C ILE C 168 -6.65 11.08 15.78
N PRO C 169 -7.31 11.50 16.85
CA PRO C 169 -6.73 11.32 18.19
C PRO C 169 -6.78 9.87 18.64
N TRP C 170 -6.26 9.61 19.82
CA TRP C 170 -6.23 8.27 20.39
C TRP C 170 -7.28 8.20 21.49
N ILE C 171 -8.44 7.64 21.16
CA ILE C 171 -9.54 7.52 22.11
C ILE C 171 -9.89 6.04 22.21
N SER C 172 -9.51 5.42 23.32
CA SER C 172 -9.78 4.01 23.53
C SER C 172 -9.69 3.70 25.00
N GLN C 173 -10.23 2.54 25.38
CA GLN C 173 -10.25 2.12 26.76
C GLN C 173 -9.09 1.20 27.12
N THR C 174 -8.33 0.73 26.13
CA THR C 174 -7.12 -0.03 26.37
C THR C 174 -5.93 0.82 25.96
N HIS C 175 -4.81 0.64 26.67
CA HIS C 175 -3.63 1.41 26.33
C HIS C 175 -3.08 1.03 24.97
N TYR C 176 -3.31 -0.20 24.53
CA TYR C 176 -2.90 -0.65 23.21
C TYR C 176 -4.08 -1.31 22.52
N ARG C 177 -4.09 -1.24 21.21
CA ARG C 177 -5.11 -1.90 20.41
C ARG C 177 -4.46 -3.01 19.59
N LEU C 178 -5.21 -4.08 19.38
CA LEU C 178 -4.70 -5.16 18.54
C LEU C 178 -4.49 -4.64 17.12
N VAL C 179 -3.51 -5.23 16.43
CA VAL C 179 -3.36 -4.93 15.02
C VAL C 179 -4.50 -5.55 14.23
N GLN C 180 -4.62 -6.87 14.30
CA GLN C 180 -5.74 -7.57 13.68
C GLN C 180 -6.94 -7.40 14.60
N GLN C 181 -7.67 -6.31 14.39
CA GLN C 181 -8.70 -5.87 15.33
C GLN C 181 -9.92 -6.79 15.27
N ASP C 182 -10.93 -6.45 16.06
CA ASP C 182 -12.17 -7.21 16.10
C ASP C 182 -13.27 -6.29 16.61
N GLU C 183 -14.41 -6.87 16.99
CA GLU C 183 -15.50 -6.07 17.53
C GLU C 183 -15.12 -5.41 18.85
N TYR C 184 -14.24 -6.04 19.62
CA TYR C 184 -13.98 -5.55 20.97
C TYR C 184 -13.13 -4.29 20.96
N THR C 185 -12.05 -4.29 20.17
CA THR C 185 -11.15 -3.14 20.09
C THR C 185 -11.34 -2.34 18.82
N SER C 186 -12.58 -2.23 18.35
CA SER C 186 -12.83 -1.46 17.14
C SER C 186 -12.48 0.00 17.37
N ALA C 187 -12.16 0.70 16.28
CA ALA C 187 -11.68 2.07 16.38
C ALA C 187 -12.63 3.11 15.82
N GLY C 188 -13.49 2.74 14.87
CA GLY C 188 -14.52 3.64 14.38
C GLY C 188 -14.43 3.83 12.88
N TYR C 189 -14.90 4.99 12.43
CA TYR C 189 -15.03 5.29 11.01
C TYR C 189 -14.46 6.68 10.74
N VAL C 190 -14.16 6.92 9.47
CA VAL C 190 -13.65 8.22 9.03
C VAL C 190 -14.33 8.55 7.72
N THR C 191 -15.14 9.61 7.71
CA THR C 191 -15.87 10.01 6.52
C THR C 191 -15.44 11.42 6.11
N CYS C 192 -16.07 11.91 5.04
CA CYS C 192 -15.78 13.25 4.52
C CYS C 192 -16.92 13.66 3.61
N TRP C 193 -17.52 14.80 3.88
CA TRP C 193 -18.72 15.24 3.19
C TRP C 193 -18.53 16.63 2.62
N TYR C 194 -19.22 16.89 1.51
CA TYR C 194 -19.24 18.23 0.95
C TYR C 194 -19.85 19.19 1.96
N GLN C 195 -19.35 20.42 1.99
CA GLN C 195 -19.97 21.46 2.79
C GLN C 195 -20.43 22.65 1.97
N THR C 196 -19.69 23.01 0.93
CA THR C 196 -20.18 24.00 -0.03
C THR C 196 -20.23 23.46 -1.44
N GLY C 197 -19.16 22.83 -1.90
CA GLY C 197 -19.12 22.27 -3.25
C GLY C 197 -18.08 22.93 -4.10
N LEU C 198 -17.68 22.28 -5.18
CA LEU C 198 -16.69 22.84 -6.09
C LEU C 198 -17.33 23.89 -6.98
N ILE C 199 -16.72 25.07 -7.04
CA ILE C 199 -17.16 26.14 -7.91
C ILE C 199 -15.99 26.54 -8.78
N VAL C 200 -16.12 26.35 -10.09
CA VAL C 200 -15.04 26.67 -11.01
C VAL C 200 -15.49 27.72 -12.01
N PRO C 201 -14.62 28.63 -12.40
CA PRO C 201 -14.98 29.62 -13.42
C PRO C 201 -15.05 28.97 -14.79
N PRO C 202 -15.71 29.59 -15.75
CA PRO C 202 -15.86 28.98 -17.08
C PRO C 202 -14.50 28.78 -17.74
N GLY C 203 -14.29 27.56 -18.23
CA GLY C 203 -13.04 27.19 -18.87
C GLY C 203 -12.14 26.33 -18.02
N ALA C 204 -12.44 26.17 -16.75
CA ALA C 204 -11.67 25.32 -15.87
C ALA C 204 -12.27 23.91 -15.85
N PRO C 205 -11.48 22.90 -15.52
CA PRO C 205 -12.01 21.54 -15.48
C PRO C 205 -13.03 21.40 -14.37
N PRO C 206 -14.20 20.83 -14.66
CA PRO C 206 -15.25 20.77 -13.64
C PRO C 206 -14.97 19.76 -12.54
N SER C 207 -14.16 18.75 -12.78
CA SER C 207 -13.91 17.69 -11.80
C SER C 207 -12.47 17.79 -11.31
N CYS C 208 -12.28 17.54 -10.01
CA CYS C 208 -10.94 17.59 -9.44
C CYS C 208 -10.60 16.29 -8.74
N THR C 209 -9.50 16.28 -8.01
CA THR C 209 -8.96 15.03 -7.45
C THR C 209 -8.30 15.32 -6.13
N ILE C 210 -8.53 14.46 -5.14
CA ILE C 210 -7.93 14.56 -3.82
C ILE C 210 -7.11 13.31 -3.57
N LEU C 211 -5.95 13.48 -2.95
CA LEU C 211 -5.14 12.35 -2.51
C LEU C 211 -5.09 12.32 -0.99
N CYS C 212 -4.96 11.12 -0.45
CA CYS C 212 -4.92 10.91 1.00
C CYS C 212 -3.55 10.42 1.42
N PHE C 213 -3.09 10.89 2.57
CA PHE C 213 -1.79 10.53 3.11
C PHE C 213 -2.00 9.87 4.46
N ALA C 214 -0.96 9.25 4.99
CA ALA C 214 -1.07 8.61 6.29
C ALA C 214 0.29 8.54 6.95
N SER C 215 0.31 8.78 8.26
CA SER C 215 1.55 8.69 9.02
C SER C 215 1.19 8.62 10.50
N ALA C 216 2.19 8.35 11.32
CA ALA C 216 2.00 8.25 12.76
C ALA C 216 2.48 9.52 13.44
N CYS C 217 1.73 9.95 14.45
CA CYS C 217 2.09 11.17 15.16
C CYS C 217 3.25 10.90 16.10
N ASN C 218 3.63 11.88 16.91
CA ASN C 218 4.81 11.77 17.75
C ASN C 218 4.51 11.12 19.09
N ASP C 219 3.39 10.41 19.22
CA ASP C 219 3.13 9.60 20.39
C ASP C 219 2.75 8.19 19.99
N PHE C 220 3.25 7.72 18.85
CA PHE C 220 2.96 6.38 18.37
C PHE C 220 3.88 5.38 19.05
N SER C 221 3.37 4.17 19.26
CA SER C 221 4.15 3.15 19.93
C SER C 221 3.72 1.79 19.41
N VAL C 222 4.59 0.81 19.58
CA VAL C 222 4.45 -0.50 18.95
C VAL C 222 5.09 -1.55 19.85
N ARG C 223 4.57 -2.77 19.79
CA ARG C 223 4.96 -3.83 20.71
C ARG C 223 4.72 -5.19 20.07
N MET C 224 5.24 -6.24 20.71
CA MET C 224 4.91 -7.63 20.39
C MET C 224 5.25 -7.98 18.94
N LEU C 225 6.55 -8.00 18.67
CA LEU C 225 7.05 -8.30 17.34
C LEU C 225 6.55 -9.66 16.86
N ARG C 226 6.18 -9.74 15.58
CA ARG C 226 5.71 -10.97 14.98
C ARG C 226 6.03 -10.95 13.49
N ASP C 227 5.75 -12.06 12.83
CA ASP C 227 5.99 -12.17 11.40
C ASP C 227 4.79 -11.67 10.61
N THR C 228 5.05 -11.19 9.40
CA THR C 228 4.03 -10.53 8.59
C THR C 228 3.25 -11.56 7.78
N PRO C 229 1.93 -11.46 7.75
CA PRO C 229 1.11 -12.32 6.89
C PRO C 229 0.98 -11.76 5.48
N PHE C 230 2.09 -11.31 4.91
CA PHE C 230 2.07 -10.66 3.60
C PHE C 230 2.98 -11.30 2.57
N ILE C 231 4.01 -12.04 3.00
CA ILE C 231 4.96 -12.64 2.07
C ILE C 231 5.06 -14.13 2.39
N GLU C 232 5.10 -14.95 1.35
CA GLU C 232 5.04 -16.40 1.48
C GLU C 232 5.94 -17.03 0.45
N GLN C 233 6.04 -18.36 0.50
CA GLN C 233 6.79 -19.13 -0.48
C GLN C 233 6.36 -20.59 -0.36
N THR C 234 6.84 -21.40 -1.30
CA THR C 234 6.52 -22.81 -1.33
C THR C 234 7.74 -23.68 -1.08
N GLN C 235 8.80 -23.49 -1.87
CA GLN C 235 10.07 -24.18 -1.64
C GLN C 235 11.19 -23.15 -1.70
N LEU C 236 12.42 -23.64 -1.55
CA LEU C 236 13.59 -22.77 -1.64
C LEU C 236 13.63 -22.10 -3.00
N LEU C 237 14.11 -20.85 -3.02
CA LEU C 237 14.30 -20.12 -4.26
C LEU C 237 15.72 -20.38 -4.77
N GLN C 238 15.82 -20.98 -5.96
CA GLN C 238 17.12 -21.19 -6.57
C GLN C 238 17.30 -20.27 -7.78
N GLY D 1 35.96 -6.70 35.60
CA GLY D 1 35.23 -5.58 35.01
C GLY D 1 33.74 -5.80 35.04
N ALA D 2 33.19 -5.97 36.24
CA ALA D 2 31.75 -6.21 36.42
C ALA D 2 31.00 -4.94 36.05
N GLN D 3 30.31 -4.97 34.91
CA GLN D 3 29.58 -3.82 34.41
C GLN D 3 28.13 -3.97 34.84
N VAL D 4 27.81 -3.39 35.99
CA VAL D 4 26.45 -3.43 36.51
C VAL D 4 25.62 -2.33 35.84
N SER D 5 24.44 -2.70 35.35
CA SER D 5 23.56 -1.77 34.68
C SER D 5 22.14 -1.96 35.18
N THR D 6 21.21 -1.17 34.67
CA THR D 6 19.81 -1.28 35.02
C THR D 6 19.08 -2.21 34.07
N GLN D 7 18.12 -2.94 34.61
CA GLN D 7 17.31 -3.85 33.81
C GLN D 7 16.19 -3.05 33.14
N LYS D 8 15.30 -3.74 32.44
CA LYS D 8 14.16 -3.13 31.78
C LYS D 8 12.90 -3.47 32.56
N THR D 9 12.23 -2.43 33.05
CA THR D 9 11.02 -2.61 33.85
C THR D 9 9.95 -1.64 33.36
N GLY D 10 8.71 -1.92 33.76
CA GLY D 10 7.58 -1.08 33.40
C GLY D 10 7.44 0.09 34.34
N ALA D 11 7.33 1.29 33.79
CA ALA D 11 7.24 2.49 34.60
C ALA D 11 5.94 2.50 35.41
N HIS D 12 5.99 3.14 36.56
CA HIS D 12 4.82 3.25 37.42
C HIS D 12 4.04 4.52 37.11
N THR D 23 16.94 -3.64 43.76
CA THR D 23 17.51 -4.82 43.13
C THR D 23 16.96 -5.03 41.71
N ILE D 24 17.08 -4.00 40.88
CA ILE D 24 16.71 -4.10 39.48
C ILE D 24 17.94 -4.01 38.58
N HIS D 25 19.11 -4.30 39.14
CA HIS D 25 20.35 -4.26 38.39
C HIS D 25 20.78 -5.67 37.99
N TYR D 26 21.55 -5.74 36.92
CA TYR D 26 22.12 -7.01 36.45
C TYR D 26 23.60 -6.80 36.17
N THR D 27 24.36 -7.88 36.29
CA THR D 27 25.80 -7.85 36.08
C THR D 27 26.15 -8.66 34.84
N ASN D 28 27.13 -8.18 34.09
CA ASN D 28 27.53 -8.84 32.86
C ASN D 28 29.02 -8.68 32.65
N ILE D 29 29.71 -9.80 32.44
CA ILE D 29 31.14 -9.80 32.12
C ILE D 29 31.28 -10.14 30.65
N ASN D 30 32.42 -9.75 30.07
CA ASN D 30 32.76 -10.13 28.72
C ASN D 30 33.91 -11.13 28.79
N TYR D 31 33.64 -12.39 28.47
CA TYR D 31 34.63 -13.44 28.65
C TYR D 31 35.58 -13.60 27.47
N TYR D 32 35.13 -13.30 26.26
CA TYR D 32 35.92 -13.58 25.07
C TYR D 32 36.72 -12.37 24.65
N LYS D 33 37.85 -12.64 24.00
CA LYS D 33 38.81 -11.62 23.60
C LYS D 33 38.50 -11.00 22.24
N ASP D 34 37.24 -11.02 21.82
CA ASP D 34 36.85 -10.43 20.55
C ASP D 34 35.68 -9.48 20.76
N ALA D 35 35.64 -8.41 19.98
CA ALA D 35 34.55 -7.45 20.12
C ALA D 35 33.24 -7.97 19.55
N ALA D 36 33.30 -8.88 18.59
CA ALA D 36 32.09 -9.43 18.01
C ALA D 36 31.47 -10.54 18.84
N SER D 37 32.16 -11.01 19.87
CA SER D 37 31.64 -12.07 20.72
C SER D 37 30.80 -11.56 21.86
N ASN D 38 30.70 -10.25 22.03
CA ASN D 38 29.86 -9.70 23.08
C ASN D 38 28.39 -9.96 22.74
N SER D 39 27.52 -9.67 23.71
CA SER D 39 26.10 -9.82 23.51
C SER D 39 25.55 -8.66 22.69
N ALA D 40 24.24 -8.68 22.45
CA ALA D 40 23.62 -7.62 21.66
C ALA D 40 23.46 -6.35 22.50
N ASN D 41 23.47 -5.20 21.81
CA ASN D 41 23.25 -3.91 22.47
C ASN D 41 21.76 -3.58 22.46
N ARG D 42 21.03 -4.31 23.30
CA ARG D 42 19.58 -4.15 23.36
C ARG D 42 19.14 -2.90 24.11
N GLN D 43 20.07 -2.02 24.46
CA GLN D 43 19.75 -0.87 25.31
C GLN D 43 20.35 0.41 24.76
N ASP D 44 20.22 0.63 23.45
CA ASP D 44 20.63 1.88 22.82
C ASP D 44 19.43 2.42 22.06
N PHE D 45 18.80 3.46 22.61
CA PHE D 45 17.51 3.93 22.14
C PHE D 45 17.57 5.35 21.62
N THR D 46 18.61 5.69 20.88
CA THR D 46 18.65 7.01 20.27
C THR D 46 17.68 7.05 19.10
N GLN D 47 17.19 8.26 18.80
CA GLN D 47 16.35 8.44 17.62
C GLN D 47 16.36 9.90 17.21
N ASP D 48 16.32 10.12 15.90
CA ASP D 48 16.37 11.47 15.32
C ASP D 48 15.58 11.47 14.02
N PRO D 49 14.22 11.61 14.04
CA PRO D 49 13.46 11.52 12.80
C PRO D 49 13.68 12.79 11.97
N SER D 50 14.46 13.74 12.50
CA SER D 50 14.63 15.06 11.82
C SER D 50 15.20 14.85 10.42
N LYS D 51 16.12 13.89 10.25
CA LYS D 51 16.76 13.67 8.94
C LYS D 51 15.69 13.29 7.90
N PHE D 52 14.72 12.46 8.28
CA PHE D 52 13.70 11.98 7.29
C PHE D 52 12.42 12.84 7.37
N THR D 53 11.93 13.11 8.59
CA THR D 53 10.65 13.87 8.75
C THR D 53 10.81 15.31 8.25
N GLU D 54 11.94 15.96 8.52
CA GLU D 54 12.12 17.39 8.13
C GLU D 54 13.49 17.58 7.46
N PRO D 55 13.72 17.10 6.22
CA PRO D 55 14.98 17.37 5.52
C PRO D 55 14.80 18.69 4.76
N MET D 56 14.57 19.80 5.47
CA MET D 56 14.29 21.09 4.79
C MET D 56 15.49 22.03 4.97
N LYS D 57 15.83 22.79 3.93
CA LYS D 57 16.91 23.75 4.08
C LYS D 57 16.47 24.95 4.90
N ASP D 58 15.24 25.41 4.67
CA ASP D 58 14.66 26.50 5.44
C ASP D 58 13.72 25.89 6.48
N VAL D 59 14.04 26.10 7.76
CA VAL D 59 13.28 25.45 8.82
C VAL D 59 11.85 25.94 8.81
N MET D 60 10.90 25.01 8.84
CA MET D 60 9.49 25.32 8.79
C MET D 60 8.89 25.24 10.19
N ILE D 61 8.23 26.30 10.60
CA ILE D 61 7.53 26.33 11.87
C ILE D 61 6.08 25.93 11.66
N LYS D 62 5.52 25.22 12.64
CA LYS D 62 4.13 24.76 12.50
C LYS D 62 3.16 25.93 12.42
N SER D 63 3.24 26.86 13.37
CA SER D 63 2.24 27.91 13.47
C SER D 63 2.27 28.84 12.26
N LEU D 64 3.44 29.04 11.66
CA LEU D 64 3.52 29.90 10.51
C LEU D 64 2.96 29.19 9.27
N PRO D 65 2.45 29.94 8.30
CA PRO D 65 2.02 29.32 7.05
C PRO D 65 3.21 28.79 6.26
N ALA D 66 2.95 27.77 5.45
CA ALA D 66 4.02 27.12 4.70
C ALA D 66 4.51 28.03 3.57
N LEU D 67 3.60 28.56 2.78
CA LEU D 67 3.96 29.44 1.67
C LEU D 67 3.46 30.86 1.91
N LEU E 1 -47.76 10.48 -15.77
CA LEU E 1 -46.90 9.47 -16.46
C LEU E 1 -47.54 9.09 -17.79
N GLN E 2 -46.79 9.20 -18.89
CA GLN E 2 -47.32 8.78 -20.21
C GLN E 2 -46.42 7.72 -20.85
N GLN E 3 -47.00 6.58 -21.26
CA GLN E 3 -46.24 5.52 -21.95
C GLN E 3 -47.09 5.06 -23.14
N SER E 4 -46.48 4.81 -24.30
CA SER E 4 -47.33 4.47 -25.45
C SER E 4 -48.03 3.12 -25.19
N GLY E 5 -49.27 3.00 -25.64
CA GLY E 5 -50.04 1.78 -25.43
C GLY E 5 -49.49 0.45 -25.90
N ALA E 6 -48.95 0.38 -27.11
CA ALA E 6 -48.43 -0.91 -27.61
C ALA E 6 -47.42 -0.76 -28.73
N GLU E 7 -46.57 -1.78 -28.88
CA GLU E 7 -45.56 -1.84 -29.92
C GLU E 7 -45.62 -3.23 -30.56
N LEU E 8 -45.53 -3.29 -31.88
CA LEU E 8 -45.54 -4.56 -32.59
C LEU E 8 -44.14 -4.70 -33.13
N ALA E 9 -43.43 -5.77 -32.80
CA ALA E 9 -42.05 -5.91 -33.27
C ALA E 9 -41.83 -7.22 -34.01
N ARG E 10 -40.81 -7.21 -34.88
CA ARG E 10 -40.42 -8.44 -35.60
C ARG E 10 -39.31 -9.10 -34.76
N PRO E 11 -39.30 -10.44 -34.53
CA PRO E 11 -38.22 -11.04 -33.77
C PRO E 11 -36.83 -10.73 -34.33
N TRP E 12 -35.79 -10.99 -33.53
CA TRP E 12 -34.38 -10.75 -33.95
C TRP E 12 -34.24 -9.30 -34.42
N ALA E 13 -34.78 -8.36 -33.63
CA ALA E 13 -34.71 -6.92 -33.98
C ALA E 13 -34.88 -6.12 -32.69
N SER E 14 -34.84 -4.79 -32.77
CA SER E 14 -34.88 -3.97 -31.52
C SER E 14 -36.19 -3.19 -31.33
N VAL E 15 -36.46 -2.74 -30.09
CA VAL E 15 -37.62 -1.91 -29.79
C VAL E 15 -37.15 -0.80 -28.85
N LYS E 16 -37.64 0.41 -29.08
CA LYS E 16 -37.31 1.56 -28.23
C LYS E 16 -38.60 1.99 -27.52
N ILE E 17 -38.57 1.89 -26.19
CA ILE E 17 -39.77 2.25 -25.39
C ILE E 17 -39.53 3.60 -24.74
N SER E 18 -40.56 4.44 -24.69
CA SER E 18 -40.42 5.78 -24.12
C SER E 18 -41.24 5.93 -22.85
N CYS E 19 -40.80 6.80 -21.95
CA CYS E 19 -41.51 7.13 -20.73
C CYS E 19 -41.42 8.64 -20.52
N GLN E 20 -42.51 9.29 -20.05
CA GLN E 20 -42.46 10.78 -19.94
C GLN E 20 -43.42 11.28 -18.85
N ALA E 21 -42.97 12.20 -17.98
CA ALA E 21 -43.91 12.76 -16.99
C ALA E 21 -43.52 14.13 -16.44
N PHE E 22 -44.46 14.75 -15.73
CA PHE E 22 -44.23 16.07 -15.10
C PHE E 22 -43.03 16.02 -14.15
N TYR E 23 -42.77 14.88 -13.49
CA TYR E 23 -41.68 14.89 -12.48
C TYR E 23 -40.34 15.21 -13.13
N THR E 24 -39.47 15.92 -12.42
CA THR E 24 -38.14 16.32 -12.97
C THR E 24 -37.06 15.45 -12.33
N PHE E 25 -35.80 15.86 -12.45
CA PHE E 25 -34.68 14.99 -11.98
C PHE E 25 -33.98 15.61 -10.78
N ASN E 26 -34.32 15.15 -9.57
CA ASN E 26 -33.61 15.62 -8.35
C ASN E 26 -32.74 14.47 -7.86
N SER E 27 -33.31 13.54 -7.09
CA SER E 27 -32.57 12.32 -6.65
C SER E 27 -33.36 11.09 -7.09
N TYR E 28 -34.28 11.24 -8.04
CA TYR E 28 -35.19 10.13 -8.42
C TYR E 28 -34.76 9.34 -9.67
N GLY E 29 -34.41 8.06 -9.49
CA GLY E 29 -34.02 7.19 -10.63
C GLY E 29 -35.22 6.65 -11.39
N MET E 30 -35.00 6.17 -12.62
CA MET E 30 -36.12 5.66 -13.46
C MET E 30 -36.12 4.13 -13.50
N GLN E 31 -37.13 3.50 -12.88
CA GLN E 31 -37.24 2.05 -12.84
C GLN E 31 -37.95 1.45 -14.04
N TRP E 32 -37.49 0.29 -14.48
CA TRP E 32 -38.11 -0.41 -15.59
C TRP E 32 -38.44 -1.82 -15.14
N VAL E 33 -39.71 -2.22 -15.29
CA VAL E 33 -40.17 -3.55 -14.81
C VAL E 33 -40.84 -4.29 -15.98
N LYS E 34 -40.54 -5.58 -16.15
CA LYS E 34 -41.17 -6.39 -17.23
C LYS E 34 -42.27 -7.24 -16.59
N GLN E 35 -43.51 -7.09 -17.06
CA GLN E 35 -44.65 -7.84 -16.48
C GLN E 35 -45.21 -8.82 -17.52
N ARG E 36 -45.34 -10.10 -17.15
CA ARG E 36 -45.89 -11.12 -18.08
C ARG E 36 -47.07 -11.80 -17.37
N PRO E 37 -48.15 -12.20 -18.06
CA PRO E 37 -49.33 -12.78 -17.38
C PRO E 37 -49.00 -14.06 -16.61
N GLY E 38 -48.18 -14.94 -17.17
CA GLY E 38 -47.86 -16.22 -16.52
C GLY E 38 -47.07 -16.03 -15.23
N GLN E 39 -46.13 -15.07 -15.22
CA GLN E 39 -45.30 -14.84 -14.04
C GLN E 39 -45.51 -13.52 -13.32
N GLY E 40 -44.67 -13.29 -12.31
CA GLY E 40 -44.75 -12.05 -11.55
C GLY E 40 -44.03 -10.91 -12.23
N LEU E 41 -43.67 -9.92 -11.42
CA LEU E 41 -43.00 -8.72 -11.93
C LEU E 41 -41.50 -9.01 -11.93
N GLU E 42 -40.80 -8.49 -12.92
CA GLU E 42 -39.36 -8.68 -12.98
C GLU E 42 -38.67 -7.33 -13.25
N TRP E 43 -37.68 -7.01 -12.43
CA TRP E 43 -36.95 -5.77 -12.60
C TRP E 43 -35.93 -5.90 -13.74
N ILE E 44 -35.83 -4.87 -14.57
CA ILE E 44 -34.91 -4.86 -15.70
C ILE E 44 -33.68 -4.03 -15.30
N GLY E 45 -33.94 -2.83 -14.82
CA GLY E 45 -32.85 -1.95 -14.43
C GLY E 45 -33.34 -0.58 -14.02
N THR E 46 -32.42 0.29 -13.61
CA THR E 46 -32.78 1.71 -13.31
C THR E 46 -31.67 2.62 -13.77
N ILE E 47 -31.91 3.93 -13.83
CA ILE E 47 -30.88 4.95 -14.21
C ILE E 47 -31.07 6.17 -13.31
N TYR E 48 -30.32 6.27 -12.20
CA TYR E 48 -30.43 7.43 -11.26
C TYR E 48 -29.89 8.71 -11.91
N PRO E 49 -30.42 9.91 -11.59
CA PRO E 49 -29.98 11.15 -12.26
C PRO E 49 -28.91 11.99 -11.56
N GLY E 50 -28.81 11.92 -10.22
CA GLY E 50 -27.85 12.77 -9.49
C GLY E 50 -26.42 12.46 -9.89
N ASN E 51 -26.08 11.16 -9.99
CA ASN E 51 -24.74 10.77 -10.47
C ASN E 51 -24.87 10.28 -11.92
N GLY E 52 -26.07 10.42 -12.50
CA GLY E 52 -26.32 9.93 -13.87
C GLY E 52 -25.97 8.46 -13.97
N GLN E 53 -26.28 7.66 -12.94
CA GLN E 53 -25.84 6.23 -12.91
C GLN E 53 -26.75 5.35 -13.76
N THR E 54 -26.22 4.28 -14.34
CA THR E 54 -27.07 3.30 -15.10
C THR E 54 -26.84 1.92 -14.49
N SER E 55 -27.92 1.21 -14.13
CA SER E 55 -27.80 -0.15 -13.54
C SER E 55 -28.71 -1.13 -14.28
N TYR E 56 -28.23 -2.36 -14.51
CA TYR E 56 -29.04 -3.38 -15.23
C TYR E 56 -29.02 -4.71 -14.45
N ASN E 57 -30.11 -5.47 -14.49
CA ASN E 57 -30.14 -6.80 -13.85
C ASN E 57 -29.24 -7.73 -14.66
N GLN E 58 -28.54 -8.65 -14.00
CA GLN E 58 -27.66 -9.63 -14.72
C GLN E 58 -28.45 -10.27 -15.87
N ARG E 59 -29.63 -10.80 -15.58
CA ARG E 59 -30.49 -11.38 -16.61
C ARG E 59 -30.67 -10.48 -17.85
N PHE E 60 -30.75 -9.17 -17.62
CA PHE E 60 -30.92 -8.24 -18.73
C PHE E 60 -29.66 -7.54 -19.22
N LYS E 61 -28.51 -7.89 -18.66
CA LYS E 61 -27.28 -7.26 -19.13
C LYS E 61 -27.01 -7.84 -20.52
N GLY E 62 -26.84 -6.96 -21.51
CA GLY E 62 -26.67 -7.42 -22.87
C GLY E 62 -27.97 -7.47 -23.63
N LYS E 63 -29.09 -7.31 -22.91
CA LYS E 63 -30.43 -7.40 -23.55
C LYS E 63 -31.10 -6.04 -23.46
N ALA E 64 -30.94 -5.36 -22.32
CA ALA E 64 -31.62 -4.06 -22.12
C ALA E 64 -30.59 -2.93 -22.05
N THR E 65 -30.69 -1.96 -22.95
CA THR E 65 -29.81 -0.76 -22.87
C THR E 65 -30.73 0.45 -22.70
N LEU E 66 -30.61 1.19 -21.60
CA LEU E 66 -31.57 2.31 -21.36
C LEU E 66 -30.81 3.63 -21.29
N THR E 67 -31.33 4.68 -21.95
CA THR E 67 -30.67 6.01 -21.95
C THR E 67 -31.70 7.09 -21.61
N ALA E 68 -31.25 8.20 -21.00
CA ALA E 68 -32.16 9.32 -20.64
C ALA E 68 -31.40 10.65 -20.75
N ASP E 69 -31.99 11.64 -21.42
CA ASP E 69 -31.33 12.97 -21.58
C ASP E 69 -32.17 13.96 -20.77
N LYS E 70 -31.57 15.05 -20.27
CA LYS E 70 -32.32 15.99 -19.39
C LYS E 70 -33.46 16.68 -20.14
N SER E 71 -33.23 17.12 -21.38
CA SER E 71 -34.25 17.92 -22.12
C SER E 71 -35.57 17.19 -22.44
N PRO E 72 -35.59 15.93 -22.94
CA PRO E 72 -36.86 15.28 -23.34
C PRO E 72 -37.87 14.96 -22.23
N SER E 73 -37.45 15.10 -20.97
CA SER E 73 -38.33 14.66 -19.85
C SER E 73 -38.69 13.20 -20.10
N THR E 74 -38.01 12.56 -21.06
CA THR E 74 -38.35 11.15 -21.40
C THR E 74 -37.22 10.16 -21.13
N ALA E 75 -37.55 9.06 -20.45
CA ALA E 75 -36.55 7.98 -20.25
C ALA E 75 -36.83 6.92 -21.31
N TYR E 76 -35.78 6.28 -21.83
CA TYR E 76 -35.92 5.30 -22.89
C TYR E 76 -35.26 3.98 -22.48
N MET E 77 -35.80 2.89 -23.01
CA MET E 77 -35.23 1.56 -22.82
C MET E 77 -35.26 0.90 -24.17
N GLN E 78 -34.15 0.27 -24.55
CA GLN E 78 -34.11 -0.45 -25.81
C GLN E 78 -33.79 -1.90 -25.56
N LEU E 79 -34.48 -2.78 -26.27
CA LEU E 79 -34.27 -4.22 -26.17
C LEU E 79 -33.88 -4.67 -27.57
N ILE E 80 -33.09 -5.73 -27.69
CA ILE E 80 -32.67 -6.20 -29.02
C ILE E 80 -32.77 -7.71 -29.10
N SER E 81 -32.65 -8.26 -30.31
CA SER E 81 -32.77 -9.71 -30.52
C SER E 81 -34.04 -10.24 -29.88
N LEU E 82 -35.15 -9.58 -30.17
CA LEU E 82 -36.44 -9.92 -29.59
C LEU E 82 -36.95 -11.30 -30.01
N THR E 83 -37.50 -12.03 -29.04
CA THR E 83 -38.06 -13.36 -29.29
C THR E 83 -39.44 -13.34 -28.63
N SER E 84 -40.19 -14.44 -28.73
CA SER E 84 -41.51 -14.50 -28.13
C SER E 84 -41.47 -14.33 -26.60
N GLU E 85 -40.35 -14.71 -26.00
CA GLU E 85 -40.16 -14.55 -24.56
C GLU E 85 -40.10 -13.09 -24.11
N ASP E 86 -39.94 -12.17 -25.04
CA ASP E 86 -39.90 -10.76 -24.70
C ASP E 86 -41.25 -10.09 -24.81
N SER E 87 -42.23 -10.81 -25.31
CA SER E 87 -43.55 -10.22 -25.46
C SER E 87 -44.06 -10.09 -24.02
N ALA E 88 -44.39 -8.86 -23.63
CA ALA E 88 -44.76 -8.60 -22.25
C ALA E 88 -45.16 -7.15 -22.16
N GLY E 89 -45.67 -6.74 -21.00
CA GLY E 89 -46.02 -5.36 -20.76
C GLY E 89 -44.85 -4.80 -19.96
N CYS E 90 -44.30 -3.68 -20.42
CA CYS E 90 -43.15 -3.05 -19.77
C CYS E 90 -43.56 -1.74 -19.15
N PHE E 91 -43.30 -1.56 -17.89
CA PHE E 91 -43.61 -0.39 -17.10
C PHE E 91 -42.37 0.38 -16.67
N CYS E 92 -42.52 1.68 -16.65
CA CYS E 92 -41.50 2.59 -16.11
C CYS E 92 -42.08 3.16 -14.81
N ALA E 93 -41.22 3.24 -13.78
CA ALA E 93 -41.65 3.76 -12.45
C ALA E 93 -40.67 4.79 -11.92
N VAL E 94 -41.02 5.56 -10.89
CA VAL E 94 -39.97 6.45 -10.30
C VAL E 94 -39.49 5.92 -8.94
N VAL E 95 -38.34 6.41 -8.47
CA VAL E 95 -37.85 6.00 -7.12
C VAL E 95 -37.11 7.19 -6.50
N PRO E 96 -37.63 7.82 -5.41
CA PRO E 96 -36.88 8.86 -4.71
C PRO E 96 -36.16 8.22 -3.52
N THR E 97 -35.61 6.99 -3.65
CA THR E 97 -34.93 6.23 -2.55
C THR E 97 -35.86 6.14 -1.34
N VAL E 98 -37.14 6.48 -1.54
CA VAL E 98 -38.12 6.49 -0.43
C VAL E 98 -39.17 5.42 -0.73
N ASP E 99 -39.47 5.21 -2.02
CA ASP E 99 -40.42 4.14 -2.40
C ASP E 99 -40.35 3.90 -3.90
N PHE E 100 -40.98 2.83 -4.38
CA PHE E 100 -41.05 2.57 -5.84
C PHE E 100 -42.23 3.39 -6.34
N ASP E 101 -43.07 3.87 -5.42
CA ASP E 101 -44.25 4.72 -5.76
C ASP E 101 -45.12 4.07 -6.83
N TYR E 102 -45.40 4.79 -7.92
CA TYR E 102 -46.32 4.29 -8.97
C TYR E 102 -45.60 3.96 -10.27
N TRP E 103 -46.29 3.23 -11.15
CA TRP E 103 -45.74 2.93 -12.51
C TRP E 103 -46.55 3.64 -13.58
N GLY E 104 -47.80 3.20 -13.79
CA GLY E 104 -48.63 3.75 -14.86
C GLY E 104 -48.94 2.70 -15.92
N GLN E 105 -49.26 3.10 -17.15
CA GLN E 105 -49.60 2.21 -18.25
C GLN E 105 -48.32 1.72 -18.93
N GLY E 106 -48.49 0.99 -20.03
CA GLY E 106 -47.29 0.37 -20.62
C GLY E 106 -47.42 -0.02 -22.08
N THR E 107 -46.30 -0.43 -22.68
CA THR E 107 -46.31 -0.89 -24.09
C THR E 107 -46.61 -2.39 -24.08
N LEU E 108 -47.69 -2.81 -24.74
CA LEU E 108 -47.94 -4.27 -24.85
C LEU E 108 -47.10 -4.77 -26.02
N VAL E 109 -45.80 -4.95 -25.79
CA VAL E 109 -44.90 -5.33 -26.92
C VAL E 109 -45.34 -6.70 -27.42
N THR E 110 -45.52 -6.83 -28.74
CA THR E 110 -45.86 -8.15 -29.32
C THR E 110 -44.78 -8.50 -30.33
N VAL E 111 -44.10 -9.63 -30.14
CA VAL E 111 -43.02 -10.06 -31.08
C VAL E 111 -43.67 -11.01 -32.09
N SER E 112 -44.13 -10.48 -33.23
CA SER E 112 -44.88 -11.33 -34.17
C SER E 112 -44.53 -11.10 -35.64
N ASP F 1 -28.28 -12.35 -5.05
CA ASP F 1 -29.70 -12.08 -5.28
C ASP F 1 -30.51 -12.32 -4.02
N ILE F 2 -31.42 -11.39 -3.72
CA ILE F 2 -32.38 -11.55 -2.63
C ILE F 2 -33.70 -11.96 -3.24
N VAL F 3 -34.23 -13.10 -2.79
CA VAL F 3 -35.50 -13.61 -3.30
C VAL F 3 -36.58 -13.36 -2.26
N MET F 4 -37.81 -13.17 -2.74
CA MET F 4 -38.96 -12.87 -1.90
C MET F 4 -39.99 -13.97 -2.06
N SER F 5 -40.28 -14.67 -0.97
CA SER F 5 -41.25 -15.75 -0.97
C SER F 5 -42.62 -15.23 -0.60
N GLN F 6 -43.64 -15.91 -1.12
CA GLN F 6 -45.03 -15.57 -0.82
C GLN F 6 -45.80 -16.85 -0.54
N SER F 7 -46.54 -16.87 0.57
CA SER F 7 -47.30 -18.04 0.97
C SER F 7 -48.55 -17.57 1.69
N PRO F 8 -49.75 -17.97 1.25
CA PRO F 8 -49.97 -18.87 0.11
C PRO F 8 -49.85 -18.18 -1.23
N SER F 9 -49.52 -18.95 -2.27
CA SER F 9 -49.42 -18.39 -3.62
C SER F 9 -50.77 -17.84 -4.08
N SER F 10 -51.87 -18.36 -3.56
CA SER F 10 -53.22 -17.89 -3.85
C SER F 10 -54.17 -18.57 -2.90
N LEU F 11 -55.27 -17.89 -2.57
CA LEU F 11 -56.30 -18.46 -1.72
C LEU F 11 -57.63 -17.80 -2.04
N ALA F 12 -58.68 -18.62 -2.13
CA ALA F 12 -60.02 -18.15 -2.41
C ALA F 12 -60.78 -17.98 -1.10
N VAL F 13 -61.43 -16.83 -0.93
CA VAL F 13 -62.10 -16.49 0.32
C VAL F 13 -63.39 -15.75 -0.01
N SER F 14 -64.33 -15.80 0.93
CA SER F 14 -65.65 -15.19 0.73
C SER F 14 -65.65 -13.76 1.26
N VAL F 15 -66.84 -13.17 1.38
CA VAL F 15 -67.00 -11.80 1.83
C VAL F 15 -66.99 -11.77 3.35
N TRP F 16 -66.43 -10.69 3.91
CA TRP F 16 -66.29 -10.50 5.36
C TRP F 16 -65.59 -11.70 6.00
N GLU F 17 -64.33 -11.86 5.61
CA GLU F 17 -63.43 -12.84 6.22
C GLU F 17 -62.04 -12.23 6.27
N LYS F 18 -61.49 -12.13 7.48
CA LYS F 18 -60.16 -11.54 7.67
C LYS F 18 -59.10 -12.48 7.10
N VAL F 19 -58.43 -12.03 6.04
CA VAL F 19 -57.38 -12.82 5.40
C VAL F 19 -56.04 -12.13 5.60
N THR F 20 -54.98 -12.93 5.60
CA THR F 20 -53.63 -12.41 5.63
C THR F 20 -52.83 -13.03 4.49
N MET F 21 -51.55 -12.71 4.41
CA MET F 21 -50.66 -13.32 3.44
C MET F 21 -49.24 -12.95 3.80
N SER F 22 -48.38 -13.97 3.88
CA SER F 22 -47.01 -13.76 4.33
C SER F 22 -46.08 -13.55 3.15
N CYS F 23 -45.06 -12.71 3.39
CA CYS F 23 -44.00 -12.47 2.41
C CYS F 23 -42.69 -12.50 3.19
N LYS F 24 -41.95 -13.59 3.06
CA LYS F 24 -40.73 -13.82 3.82
C LYS F 24 -39.51 -13.60 2.93
N SER F 25 -38.53 -12.87 3.45
CA SER F 25 -37.35 -12.49 2.70
C SER F 25 -36.20 -13.44 3.00
N SER F 26 -35.36 -13.67 1.99
CA SER F 26 -34.14 -14.46 2.17
C SER F 26 -33.04 -13.69 2.88
N GLN F 27 -33.27 -12.42 3.19
CA GLN F 27 -32.33 -11.59 3.95
C GLN F 27 -33.12 -10.52 4.68
N SER F 28 -32.72 -10.21 5.91
CA SER F 28 -33.46 -9.25 6.70
C SER F 28 -33.41 -7.87 6.06
N LEU F 29 -34.54 -7.42 5.53
CA LEU F 29 -34.61 -6.12 4.87
C LEU F 29 -34.79 -5.01 5.90
N LEU F 30 -33.94 -4.98 6.92
CA LEU F 30 -33.99 -3.97 7.97
C LEU F 30 -32.58 -3.56 8.31
N TYR F 31 -32.26 -2.30 8.05
CA TYR F 31 -30.93 -1.78 8.33
C TYR F 31 -30.92 -0.99 9.63
N SER F 32 -29.76 -0.94 10.28
CA SER F 32 -29.61 -0.38 11.61
C SER F 32 -29.18 1.07 11.62
N ASN F 33 -29.58 1.87 10.62
CA ASN F 33 -29.38 3.30 10.67
C ASN F 33 -30.64 4.05 11.09
N THR F 34 -31.78 3.67 10.52
CA THR F 34 -33.06 4.28 10.84
C THR F 34 -34.08 3.28 11.35
N GLN F 35 -33.79 1.98 11.27
CA GLN F 35 -34.73 0.93 11.66
C GLN F 35 -36.05 1.07 10.91
N LYS F 36 -35.95 0.99 9.59
CA LYS F 36 -37.11 1.08 8.70
C LYS F 36 -37.00 -0.03 7.67
N ASN F 37 -37.89 -1.02 7.78
CA ASN F 37 -37.86 -2.14 6.85
C ASN F 37 -38.02 -1.67 5.42
N TYR F 38 -37.28 -2.30 4.51
CA TYR F 38 -37.33 -1.96 3.09
C TYR F 38 -38.21 -3.00 2.38
N LEU F 39 -39.52 -2.76 2.42
CA LEU F 39 -40.48 -3.68 1.83
C LEU F 39 -41.66 -2.89 1.29
N ALA F 40 -42.13 -3.27 0.10
CA ALA F 40 -43.24 -2.62 -0.56
C ALA F 40 -44.33 -3.64 -0.89
N TRP F 41 -45.58 -3.24 -0.73
CA TRP F 41 -46.74 -4.08 -0.99
C TRP F 41 -47.56 -3.48 -2.12
N TYR F 42 -48.01 -4.33 -3.05
CA TYR F 42 -48.59 -3.85 -4.29
C TYR F 42 -49.82 -4.65 -4.68
N GLN F 43 -50.84 -3.95 -5.16
CA GLN F 43 -52.08 -4.55 -5.63
C GLN F 43 -52.19 -4.35 -7.13
N GLN F 44 -52.18 -5.45 -7.87
CA GLN F 44 -52.41 -5.43 -9.32
C GLN F 44 -53.84 -5.91 -9.55
N LYS F 45 -54.74 -4.98 -9.85
CA LYS F 45 -56.12 -5.34 -10.11
C LYS F 45 -56.19 -6.21 -11.36
N PRO F 46 -57.21 -7.09 -11.45
CA PRO F 46 -57.35 -7.95 -12.63
C PRO F 46 -57.32 -7.18 -13.93
N GLY F 47 -56.30 -7.41 -14.74
CA GLY F 47 -56.13 -6.67 -15.98
C GLY F 47 -55.87 -5.19 -15.75
N GLN F 48 -55.00 -4.86 -14.80
CA GLN F 48 -54.71 -3.47 -14.48
C GLN F 48 -53.26 -3.34 -14.05
N SER F 49 -52.77 -2.11 -14.10
CA SER F 49 -51.42 -1.79 -13.62
C SER F 49 -51.42 -1.72 -12.10
N PRO F 50 -50.35 -2.18 -11.44
CA PRO F 50 -50.35 -2.24 -9.99
C PRO F 50 -50.29 -0.86 -9.36
N LYS F 51 -50.68 -0.80 -8.09
CA LYS F 51 -50.66 0.43 -7.31
C LYS F 51 -50.05 0.15 -5.95
N LEU F 52 -49.66 1.22 -5.26
CA LEU F 52 -49.01 1.06 -3.96
C LEU F 52 -50.01 0.73 -2.87
N LEU F 53 -49.59 -0.14 -1.95
CA LEU F 53 -50.38 -0.47 -0.77
C LEU F 53 -49.71 -0.02 0.52
N ILE F 54 -48.46 -0.41 0.73
CA ILE F 54 -47.74 -0.11 1.96
C ILE F 54 -46.27 0.15 1.64
N TYR F 55 -45.77 1.33 1.99
CA TYR F 55 -44.36 1.64 1.83
C TYR F 55 -43.70 1.78 3.19
N TRP F 56 -42.38 1.59 3.21
CA TRP F 56 -41.59 1.38 4.42
C TRP F 56 -42.07 0.16 5.21
N ALA F 57 -42.87 -0.69 4.59
CA ALA F 57 -43.51 -1.86 5.21
C ALA F 57 -44.39 -1.49 6.41
N SER F 58 -44.66 -0.20 6.62
CA SER F 58 -45.44 0.20 7.78
C SER F 58 -46.51 1.25 7.51
N THR F 59 -46.41 2.04 6.45
CA THR F 59 -47.25 3.22 6.26
C THR F 59 -48.20 3.04 5.08
N ARG F 60 -49.40 3.59 5.24
CA ARG F 60 -50.45 3.51 4.23
C ARG F 60 -50.29 4.61 3.19
N GLU F 61 -51.05 4.47 2.10
CA GLU F 61 -51.15 5.49 1.07
C GLU F 61 -52.57 6.07 1.08
N SER F 62 -52.75 7.16 0.33
CA SER F 62 -54.05 7.81 0.26
C SER F 62 -55.01 6.99 -0.61
N GLY F 63 -56.30 7.07 -0.26
CA GLY F 63 -57.28 6.25 -0.93
C GLY F 63 -57.10 4.77 -0.70
N VAL F 64 -56.67 4.39 0.50
CA VAL F 64 -56.40 2.99 0.83
C VAL F 64 -57.01 2.72 2.21
N PRO F 65 -57.72 1.60 2.38
CA PRO F 65 -58.41 1.34 3.65
C PRO F 65 -57.53 0.68 4.70
N ASP F 66 -58.09 0.50 5.89
CA ASP F 66 -57.39 -0.20 6.95
C ASP F 66 -57.44 -1.72 6.78
N ARG F 67 -58.14 -2.22 5.78
CA ARG F 67 -58.01 -3.61 5.37
C ARG F 67 -56.75 -3.87 4.57
N PHE F 68 -55.88 -2.86 4.42
CA PHE F 68 -54.53 -3.02 3.89
C PHE F 68 -53.59 -2.39 4.90
N THR F 69 -52.85 -3.23 5.63
CA THR F 69 -51.93 -2.74 6.66
C THR F 69 -50.67 -3.59 6.66
N GLY F 70 -49.53 -2.94 6.53
CA GLY F 70 -48.27 -3.63 6.68
C GLY F 70 -48.03 -4.06 8.11
N SER F 71 -47.26 -5.14 8.25
CA SER F 71 -47.05 -5.74 9.57
C SER F 71 -45.87 -6.69 9.51
N GLY F 72 -44.92 -6.50 10.41
CA GLY F 72 -43.78 -7.38 10.53
C GLY F 72 -42.50 -6.59 10.68
N SER F 73 -41.39 -7.29 10.52
CA SER F 73 -40.04 -6.74 10.66
C SER F 73 -39.06 -7.81 10.21
N GLY F 74 -37.78 -7.47 10.25
CA GLY F 74 -36.73 -8.43 9.98
C GLY F 74 -36.81 -9.06 8.60
N THR F 75 -37.21 -10.33 8.55
CA THR F 75 -37.27 -11.06 7.29
C THR F 75 -38.61 -11.75 7.07
N ASP F 76 -39.62 -11.47 7.89
CA ASP F 76 -40.94 -12.08 7.72
C ASP F 76 -42.00 -11.01 7.92
N PHE F 77 -42.97 -10.97 7.02
CA PHE F 77 -43.97 -9.92 6.99
C PHE F 77 -45.32 -10.51 6.60
N THR F 78 -46.36 -9.69 6.75
CA THR F 78 -47.69 -10.06 6.30
C THR F 78 -48.53 -8.81 6.19
N LEU F 79 -49.61 -8.91 5.42
CA LEU F 79 -50.51 -7.79 5.16
C LEU F 79 -51.90 -8.19 5.65
N THR F 80 -52.27 -7.71 6.84
CA THR F 80 -53.57 -8.03 7.40
C THR F 80 -54.68 -7.39 6.59
N ILE F 81 -55.63 -8.22 6.14
CA ILE F 81 -56.84 -7.75 5.48
C ILE F 81 -57.99 -8.01 6.44
N SER F 82 -58.50 -6.94 7.06
CA SER F 82 -59.43 -7.09 8.19
C SER F 82 -60.84 -7.43 7.72
N SER F 83 -61.43 -6.54 6.92
CA SER F 83 -62.80 -6.72 6.43
C SER F 83 -62.75 -6.69 4.90
N VAL F 84 -62.77 -7.87 4.28
CA VAL F 84 -62.63 -7.95 2.85
C VAL F 84 -63.89 -7.42 2.17
N LYS F 85 -63.71 -6.81 1.00
CA LYS F 85 -64.80 -6.28 0.21
C LYS F 85 -64.68 -6.74 -1.24
N ALA F 86 -65.49 -6.18 -2.13
CA ALA F 86 -65.53 -6.59 -3.52
C ALA F 86 -64.46 -5.91 -4.38
N GLU F 87 -63.41 -5.36 -3.76
CA GLU F 87 -62.31 -4.75 -4.49
C GLU F 87 -60.96 -5.35 -4.13
N ASP F 88 -60.95 -6.51 -3.48
CA ASP F 88 -59.70 -7.16 -3.09
C ASP F 88 -59.35 -8.36 -3.96
N LEU F 89 -60.28 -8.84 -4.78
CA LEU F 89 -60.00 -9.94 -5.69
C LEU F 89 -59.02 -9.47 -6.75
N ALA F 90 -57.76 -9.86 -6.59
CA ALA F 90 -56.67 -9.43 -7.46
C ALA F 90 -55.44 -10.24 -7.11
N VAL F 91 -54.31 -9.90 -7.72
CA VAL F 91 -53.02 -10.48 -7.40
C VAL F 91 -52.19 -9.43 -6.69
N TYR F 92 -51.49 -9.82 -5.63
CA TYR F 92 -50.69 -8.91 -4.83
C TYR F 92 -49.24 -9.37 -4.86
N TYR F 93 -48.33 -8.41 -5.03
CA TYR F 93 -46.90 -8.68 -5.11
C TYR F 93 -46.16 -7.85 -4.08
N CYS F 94 -45.35 -8.50 -3.26
CA CYS F 94 -44.45 -7.79 -2.36
C CYS F 94 -43.11 -7.53 -3.05
N GLN F 95 -42.34 -6.61 -2.48
CA GLN F 95 -41.10 -6.16 -3.11
C GLN F 95 -40.20 -5.55 -2.04
N GLN F 96 -38.90 -5.55 -2.33
CA GLN F 96 -37.89 -5.12 -1.37
C GLN F 96 -37.07 -3.98 -1.97
N TYR F 97 -36.72 -3.01 -1.12
CA TYR F 97 -35.91 -1.88 -1.53
C TYR F 97 -34.42 -2.08 -1.28
N TYR F 98 -34.00 -3.25 -0.81
CA TYR F 98 -32.67 -3.34 -0.17
C TYR F 98 -31.58 -3.70 -1.16
N SER F 99 -31.67 -4.87 -1.76
CA SER F 99 -30.65 -5.29 -2.71
C SER F 99 -30.96 -4.72 -4.09
N TYR F 100 -29.92 -4.25 -4.78
CA TYR F 100 -30.08 -3.59 -6.11
C TYR F 100 -31.03 -4.34 -7.04
N PRO F 101 -30.91 -5.67 -7.28
CA PRO F 101 -31.91 -6.33 -8.13
C PRO F 101 -33.19 -6.24 -7.30
N LEU F 102 -34.17 -5.47 -7.78
CA LEU F 102 -35.41 -5.27 -7.00
C LEU F 102 -36.41 -6.37 -7.35
N THR F 103 -36.11 -7.60 -6.96
CA THR F 103 -36.99 -8.75 -7.29
C THR F 103 -38.31 -8.61 -6.55
N PHE F 104 -39.43 -8.93 -7.21
CA PHE F 104 -40.75 -8.91 -6.53
C PHE F 104 -41.01 -10.32 -5.99
N GLY F 105 -41.98 -10.47 -5.09
CA GLY F 105 -42.29 -11.78 -4.57
C GLY F 105 -42.97 -12.71 -5.55
N ALA F 106 -43.34 -13.91 -5.08
CA ALA F 106 -44.02 -14.87 -5.95
C ALA F 106 -45.33 -14.29 -6.49
N GLY F 107 -46.14 -13.72 -5.61
CA GLY F 107 -47.39 -13.13 -6.03
C GLY F 107 -48.61 -13.87 -5.55
N THR F 108 -49.24 -13.36 -4.50
CA THR F 108 -50.46 -13.97 -3.99
C THR F 108 -51.64 -13.51 -4.83
N LYS F 109 -52.47 -14.46 -5.25
CA LYS F 109 -53.66 -14.17 -6.03
C LYS F 109 -54.87 -14.36 -5.10
N LEU F 110 -55.27 -13.27 -4.45
CA LEU F 110 -56.45 -13.30 -3.59
C LEU F 110 -57.68 -13.53 -4.47
N GLU F 111 -58.24 -14.73 -4.40
CA GLU F 111 -59.34 -15.13 -5.27
C GLU F 111 -60.67 -14.88 -4.59
N LEU F 112 -61.70 -14.70 -5.41
CA LEU F 112 -63.05 -14.46 -4.93
C LEU F 112 -63.85 -15.75 -4.99
N LYS F 113 -64.54 -16.08 -3.91
CA LYS F 113 -65.39 -17.25 -3.84
C LYS F 113 -66.84 -16.80 -3.71
N ARG F 114 -67.68 -17.23 -4.64
CA ARG F 114 -69.08 -16.85 -4.68
C ARG F 114 -69.94 -17.97 -4.09
N ALA F 115 -71.25 -17.83 -4.20
CA ALA F 115 -72.17 -18.85 -3.71
C ALA F 115 -72.09 -20.11 -4.57
C1 SPH G . 24.66 -10.12 1.51
O1 SPH G . 25.70 -9.47 0.82
C2 SPH G . 24.95 -10.09 3.01
N2 SPH G . 23.80 -9.58 3.71
C3 SPH G . 25.27 -11.50 3.50
O3 SPH G . 26.37 -12.05 2.81
C4 SPH G . 25.52 -11.53 4.98
C5 SPH G . 26.24 -12.67 5.57
C6 SPH G . 26.90 -12.53 6.92
C7 SPH G . 28.28 -13.18 6.88
C8 SPH G . 28.13 -14.69 6.87
C9 SPH G . 29.44 -15.35 6.48
C10 SPH G . 30.08 -16.07 7.64
C11 SPH G . 29.49 -17.46 7.78
C12 SPH G . 30.58 -18.51 7.92
C13 SPH G . 30.76 -18.95 9.36
C14 SPH G . 30.32 -20.39 9.52
C15 SPH G . 31.29 -21.18 10.36
C16 SPH G . 31.23 -22.65 9.96
C17 SPH G . 32.24 -23.50 10.72
C18 SPH G . 32.29 -24.91 10.15
C1 MYR H . 36.45 -7.35 36.77
O1 MYR H . 36.06 -7.77 35.65
C2 MYR H . 37.51 -8.11 37.53
C3 MYR H . 37.03 -9.54 37.78
C4 MYR H . 36.27 -9.63 39.09
C5 MYR H . 35.11 -10.61 38.98
C6 MYR H . 35.58 -12.00 38.53
C7 MYR H . 34.38 -12.80 38.04
C8 MYR H . 34.69 -14.30 37.98
C9 MYR H . 35.82 -14.60 37.01
C10 MYR H . 35.40 -14.32 35.57
C11 MYR H . 34.63 -15.49 34.98
C12 MYR H . 35.56 -16.63 34.58
C13 MYR H . 36.23 -16.34 33.24
C14 MYR H . 37.04 -17.56 32.79
#